data_3GC3
#
_entry.id   3GC3
#
_cell.length_a   72.857
_cell.length_b   126.173
_cell.length_c   129.505
_cell.angle_alpha   90.00
_cell.angle_beta   90.00
_cell.angle_gamma   90.00
#
_symmetry.space_group_name_H-M   'P 21 21 21'
#
loop_
_entity.id
_entity.type
_entity.pdbx_description
1 polymer Beta-arrestin-1
2 polymer 'Clathrin heavy chain 1'
3 water water
#
loop_
_entity_poly.entity_id
_entity_poly.type
_entity_poly.pdbx_seq_one_letter_code
_entity_poly.pdbx_strand_id
1 'polypeptide(L)'
;MGDKGTRVFKKASPNGKLTVYLGKRDFVDHIDLVEPVDGVVLVDPEYLKERRVYVTLTCAFRYGREDLDVLGLTFRKDLF
VANVQSFPPAPEDKKPLTRLQERLIKKLGEHAYPFTFEIPPNLPCSVTLQPGPEDTGKACGVDYEVKAFCAENLEEKIHK
RNSVRLVIRKVQYAPERPGPQPTAETTRQFLMSDKPLHLEASLDKEIYYHGEPISVNVHVTNNTNKTVKKIKISVRQYAD
ICLFNTAQYKCPVAMEEADDTVAPSSTFCKVYTLTPFLANNREKRGLALDGKLKHEDTNLASSTLLREGANREILGIIVS
YKVKVKLVVSRGGDVAVELPFTLMHPKPKEEPPHREVPEHETPVDTNLIELDTNDDDIVFEDFAR
;
A
2 'polypeptide(L)'
;MAQILPIRFQEHLQLQNLGINPANIGFSTLTMESDKFICIREKVGEQAQVVIIDMNDPSNPIRRPISADSAIMNPASKVI
ALKAGKTLQIFNIEMKSKMKAHTMTDDVTFWKWISLNTVALVTDNAVYHWSMEGESQPVKMFDRHSSLAGCQIINYRTDA
KQKWLLLTGISAQQNRVVGAMQLYSVDRKVSQPIEGHAASFAQFKMEGNAEESTLFCFAVRGQAGGKLHIIEVGTPPTGN
QPFPKKAVDVFFPPEAQNDFPVAMQISEKHDVVFLITKYGYIHLYDLETGTCIYMNRISGETIFVTAPHEATAGIIGVNR
KGQVLSVCVEEENIIPYITNVLQNPDLALRMAVRNNLAGAEEL
;
B
#
# COMPACT_ATOMS: atom_id res chain seq x y z
N GLY A 5 -15.60 -22.11 10.99
CA GLY A 5 -15.38 -21.63 12.39
C GLY A 5 -13.98 -21.08 12.52
N THR A 6 -13.88 -19.81 12.90
CA THR A 6 -12.60 -19.12 13.07
C THR A 6 -11.65 -19.68 14.13
N ARG A 7 -10.39 -19.96 13.78
CA ARG A 7 -9.41 -20.45 14.81
C ARG A 7 -8.72 -19.32 15.57
N VAL A 8 -8.54 -19.55 16.85
CA VAL A 8 -7.88 -18.58 17.68
C VAL A 8 -6.99 -19.37 18.60
N PHE A 9 -5.73 -18.98 18.70
CA PHE A 9 -4.75 -19.79 19.45
C PHE A 9 -4.68 -19.28 20.86
N LYS A 10 -4.60 -20.19 21.82
CA LYS A 10 -4.58 -19.68 23.20
C LYS A 10 -3.46 -20.28 24.03
N LYS A 11 -3.02 -19.54 25.02
CA LYS A 11 -2.04 -20.10 25.91
C LYS A 11 -2.13 -19.44 27.28
N ALA A 12 -2.16 -20.27 28.34
CA ALA A 12 -2.31 -19.79 29.72
C ALA A 12 -0.98 -19.87 30.44
N SER A 13 -0.79 -19.03 31.42
CA SER A 13 0.34 -19.17 32.31
C SER A 13 0.17 -20.46 33.14
N PRO A 14 1.30 -20.95 33.70
CA PRO A 14 1.32 -22.13 34.57
C PRO A 14 0.26 -22.09 35.66
N ASN A 15 0.11 -20.96 36.35
CA ASN A 15 -0.86 -20.92 37.44
C ASN A 15 -2.31 -20.71 36.95
N GLY A 16 -2.50 -20.77 35.63
CA GLY A 16 -3.83 -20.66 34.99
C GLY A 16 -4.48 -19.30 35.19
N LYS A 17 -3.67 -18.31 35.57
CA LYS A 17 -4.22 -16.95 35.85
C LYS A 17 -4.33 -16.01 34.63
N LEU A 18 -3.33 -16.01 33.76
CA LEU A 18 -3.35 -15.28 32.51
C LEU A 18 -3.45 -16.23 31.37
N THR A 19 -4.42 -16.00 30.48
CA THR A 19 -4.44 -16.60 29.14
C THR A 19 -4.28 -15.54 28.05
N VAL A 20 -3.49 -15.82 27.01
CA VAL A 20 -3.38 -14.98 25.82
C VAL A 20 -4.03 -15.68 24.69
N TYR A 21 -4.68 -14.89 23.83
CA TYR A 21 -5.26 -15.38 22.60
C TYR A 21 -4.66 -14.63 21.49
N LEU A 22 -4.35 -15.32 20.40
CA LEU A 22 -3.95 -14.74 19.13
C LEU A 22 -4.69 -15.41 17.99
N GLY A 23 -5.08 -14.62 17.00
CA GLY A 23 -5.59 -15.14 15.75
C GLY A 23 -4.61 -16.00 14.97
N LYS A 24 -3.32 -15.84 15.22
CA LYS A 24 -2.30 -16.39 14.33
C LYS A 24 -1.02 -16.59 15.09
N ARG A 25 -0.10 -17.39 14.58
CA ARG A 25 1.27 -17.39 15.08
C ARG A 25 2.33 -16.79 14.21
N ASP A 26 2.05 -16.69 12.92
CA ASP A 26 3.00 -16.19 11.94
C ASP A 26 2.42 -14.90 11.42
N PHE A 27 3.21 -13.84 11.38
CA PHE A 27 2.70 -12.55 10.95
C PHE A 27 3.47 -12.16 9.68
N VAL A 28 2.72 -11.91 8.62
CA VAL A 28 3.33 -11.66 7.30
C VAL A 28 3.83 -10.21 7.18
N ASP A 29 5.10 -10.15 6.81
CA ASP A 29 5.74 -8.94 6.42
C ASP A 29 5.47 -8.63 4.95
N HIS A 30 4.80 -7.49 4.70
CA HIS A 30 4.42 -7.06 3.36
C HIS A 30 5.21 -5.85 2.89
N ILE A 31 6.42 -5.79 3.41
CA ILE A 31 7.49 -4.87 3.02
C ILE A 31 7.23 -3.45 3.49
N ASP A 32 6.06 -2.88 3.26
CA ASP A 32 5.75 -1.56 3.82
C ASP A 32 5.18 -1.59 5.24
N LEU A 33 4.75 -2.76 5.70
CA LEU A 33 4.16 -2.95 7.01
C LEU A 33 4.13 -4.46 7.22
N VAL A 34 3.85 -4.85 8.43
CA VAL A 34 3.71 -6.23 8.89
C VAL A 34 2.30 -6.43 9.43
N GLU A 35 1.65 -7.59 9.25
CA GLU A 35 0.36 -7.73 9.90
C GLU A 35 0.51 -7.35 11.34
N PRO A 36 -0.43 -6.61 11.89
CA PRO A 36 -0.36 -6.27 13.28
C PRO A 36 -0.52 -7.54 14.15
N VAL A 37 0.16 -7.56 15.29
CA VAL A 37 -0.03 -8.63 16.31
C VAL A 37 -1.18 -8.27 17.28
N ASP A 38 -2.38 -8.74 16.90
CA ASP A 38 -3.60 -8.30 17.59
C ASP A 38 -4.07 -9.44 18.52
N GLY A 39 -3.96 -9.20 19.83
CA GLY A 39 -4.30 -10.23 20.78
C GLY A 39 -5.26 -9.77 21.85
N VAL A 40 -5.62 -10.72 22.71
CA VAL A 40 -6.45 -10.45 23.88
C VAL A 40 -5.84 -11.22 25.05
N VAL A 41 -5.71 -10.57 26.21
CA VAL A 41 -5.31 -11.29 27.41
C VAL A 41 -6.47 -11.37 28.42
N LEU A 42 -6.75 -12.58 28.90
CA LEU A 42 -7.85 -12.78 29.87
C LEU A 42 -7.27 -12.83 31.30
N VAL A 43 -7.51 -11.77 32.09
CA VAL A 43 -6.87 -11.50 33.38
C VAL A 43 -7.58 -12.08 34.61
N ARG A 51 -1.64 -4.82 40.94
CA ARG A 51 -0.75 -5.00 39.78
C ARG A 51 -1.37 -4.74 38.38
N ARG A 52 -0.67 -3.95 37.57
CA ARG A 52 -1.02 -3.82 36.16
C ARG A 52 -0.76 -5.17 35.47
N VAL A 53 -1.40 -5.37 34.31
CA VAL A 53 -1.05 -6.47 33.40
C VAL A 53 -0.44 -5.99 32.07
N TYR A 54 0.82 -6.35 31.86
CA TYR A 54 1.63 -5.91 30.73
C TYR A 54 1.80 -7.02 29.73
N VAL A 55 2.01 -6.60 28.50
CA VAL A 55 2.29 -7.54 27.44
C VAL A 55 3.46 -7.00 26.64
N THR A 56 4.48 -7.83 26.43
CA THR A 56 5.67 -7.32 25.72
C THR A 56 6.07 -8.21 24.49
N LEU A 57 6.59 -7.54 23.45
CA LEU A 57 7.04 -8.18 22.23
C LEU A 57 8.54 -7.91 22.04
N THR A 58 9.31 -8.99 21.96
CA THR A 58 10.76 -8.84 21.86
C THR A 58 11.31 -9.55 20.65
N CYS A 59 12.18 -8.86 19.92
CA CYS A 59 12.95 -9.47 18.84
C CYS A 59 14.42 -9.49 19.17
N ALA A 60 15.06 -10.66 19.11
CA ALA A 60 16.47 -10.79 19.51
C ALA A 60 17.20 -11.69 18.52
N PHE A 61 18.46 -11.38 18.27
CA PHE A 61 19.34 -12.40 17.76
C PHE A 61 20.04 -13.16 18.86
N ARG A 62 20.13 -14.48 18.68
CA ARG A 62 20.80 -15.35 19.67
C ARG A 62 21.75 -16.28 19.00
N TYR A 63 22.85 -16.49 19.68
CA TYR A 63 23.87 -17.37 19.22
C TYR A 63 24.24 -18.37 20.33
N GLY A 64 24.24 -19.65 20.00
CA GLY A 64 24.35 -20.67 21.01
C GLY A 64 22.92 -20.96 21.50
N GLY A 72 23.11 -22.96 27.89
CA GLY A 72 23.26 -23.07 26.41
C GLY A 72 23.70 -21.84 25.59
N LEU A 73 23.12 -20.68 25.90
CA LEU A 73 23.37 -19.44 25.12
C LEU A 73 24.71 -18.76 25.43
N THR A 74 25.26 -18.06 24.46
CA THR A 74 26.60 -17.51 24.57
C THR A 74 26.69 -16.10 23.92
N PHE A 75 25.69 -15.75 23.15
CA PHE A 75 25.53 -14.36 22.70
C PHE A 75 24.11 -14.00 22.39
N ARG A 76 23.68 -12.84 22.85
CA ARG A 76 22.36 -12.33 22.52
C ARG A 76 22.38 -10.80 22.24
N LYS A 77 21.68 -10.36 21.18
CA LYS A 77 21.52 -8.95 20.88
C LYS A 77 20.06 -8.62 20.79
N ASP A 78 19.55 -7.73 21.62
CA ASP A 78 18.17 -7.28 21.47
C ASP A 78 17.99 -6.35 20.27
N LEU A 79 16.96 -6.62 19.44
CA LEU A 79 16.73 -5.84 18.23
C LEU A 79 15.49 -4.92 18.32
N PHE A 80 14.54 -5.22 19.20
CA PHE A 80 13.31 -4.51 19.29
C PHE A 80 12.52 -4.97 20.50
N VAL A 81 11.99 -4.04 21.29
CA VAL A 81 11.10 -4.35 22.40
C VAL A 81 9.91 -3.43 22.34
N ALA A 82 8.72 -3.94 22.62
CA ALA A 82 7.56 -3.10 22.68
C ALA A 82 6.79 -3.53 23.86
N ASN A 83 6.36 -2.56 24.69
CA ASN A 83 5.58 -2.88 25.89
C ASN A 83 4.18 -2.31 25.80
N VAL A 84 3.22 -3.10 26.22
CA VAL A 84 1.87 -2.63 26.22
C VAL A 84 1.35 -2.82 27.66
N GLN A 85 0.69 -1.81 28.21
CA GLN A 85 -0.16 -2.06 29.36
C GLN A 85 -1.55 -2.45 28.89
N SER A 86 -1.94 -3.68 29.22
CA SER A 86 -3.18 -4.30 28.72
C SER A 86 -4.35 -4.13 29.71
N PHE A 87 -3.99 -4.06 30.99
CA PHE A 87 -4.90 -3.77 32.08
C PHE A 87 -4.20 -2.98 33.15
N PRO A 88 -4.86 -1.91 33.63
CA PRO A 88 -6.09 -1.41 33.00
C PRO A 88 -5.84 -0.55 31.77
N PRO A 89 -6.85 -0.45 30.90
CA PRO A 89 -6.69 0.24 29.60
C PRO A 89 -6.24 1.69 29.76
N LYS A 95 -5.69 3.50 18.67
CA LYS A 95 -5.96 2.89 17.37
C LYS A 95 -7.00 1.76 17.50
N PRO A 96 -8.00 1.71 16.58
CA PRO A 96 -9.17 0.77 16.70
C PRO A 96 -8.82 -0.76 16.90
N LEU A 97 -9.70 -1.47 17.62
CA LEU A 97 -9.63 -2.94 17.77
C LEU A 97 -9.96 -3.69 16.49
N THR A 98 -9.26 -4.79 16.20
CA THR A 98 -9.59 -5.63 15.05
C THR A 98 -10.95 -6.34 15.33
N ARG A 99 -11.61 -6.85 14.28
CA ARG A 99 -12.86 -7.60 14.51
C ARG A 99 -12.58 -8.77 15.44
N LEU A 100 -11.43 -9.40 15.26
CA LEU A 100 -11.02 -10.52 16.12
C LEU A 100 -11.03 -10.11 17.59
N GLN A 101 -10.42 -8.99 17.93
CA GLN A 101 -10.33 -8.56 19.34
C GLN A 101 -11.73 -8.38 19.96
N GLU A 102 -12.52 -7.47 19.38
CA GLU A 102 -13.92 -7.29 19.76
C GLU A 102 -14.70 -8.60 19.84
N ARG A 103 -14.65 -9.37 18.75
CA ARG A 103 -15.35 -10.65 18.73
C ARG A 103 -15.02 -11.48 19.97
N LEU A 104 -13.74 -11.55 20.30
CA LEU A 104 -13.23 -12.40 21.37
C LEU A 104 -13.45 -11.76 22.74
N ILE A 105 -13.39 -10.44 22.79
CA ILE A 105 -13.75 -9.71 24.02
C ILE A 105 -15.21 -9.96 24.46
N LYS A 106 -16.11 -9.84 23.49
CA LYS A 106 -17.50 -10.17 23.71
C LYS A 106 -17.62 -11.65 24.00
N LYS A 107 -16.95 -12.50 23.22
CA LYS A 107 -17.14 -13.95 23.38
C LYS A 107 -16.35 -14.50 24.54
N LEU A 108 -16.01 -13.70 25.53
CA LEU A 108 -15.02 -14.16 26.54
C LEU A 108 -15.23 -13.46 27.87
N GLY A 109 -15.55 -12.18 27.81
CA GLY A 109 -15.94 -11.48 29.02
C GLY A 109 -15.39 -10.07 29.05
N GLU A 110 -15.27 -9.57 30.28
CA GLU A 110 -14.92 -8.21 30.57
C GLU A 110 -13.71 -8.23 31.42
N HIS A 111 -13.24 -9.45 31.70
CA HIS A 111 -11.85 -9.66 32.12
C HIS A 111 -10.84 -9.86 30.96
N ALA A 112 -11.36 -9.92 29.73
CA ALA A 112 -10.60 -9.91 28.44
C ALA A 112 -10.14 -8.52 27.96
N TYR A 113 -8.84 -8.32 27.80
CA TYR A 113 -8.30 -7.02 27.35
C TYR A 113 -7.42 -7.11 26.07
N PRO A 114 -7.53 -6.12 25.16
CA PRO A 114 -6.77 -6.13 23.90
C PRO A 114 -5.33 -5.71 24.10
N PHE A 115 -4.42 -6.29 23.31
CA PHE A 115 -3.09 -5.76 23.13
C PHE A 115 -2.80 -5.85 21.62
N THR A 116 -2.05 -4.89 21.12
CA THR A 116 -1.68 -4.81 19.72
C THR A 116 -0.23 -4.36 19.62
N PHE A 117 0.58 -5.06 18.82
CA PHE A 117 1.90 -4.59 18.40
C PHE A 117 1.95 -4.33 16.88
N GLU A 118 2.71 -3.35 16.44
CA GLU A 118 3.05 -3.29 15.03
C GLU A 118 4.53 -3.50 14.94
N ILE A 119 4.91 -4.51 14.20
CA ILE A 119 6.33 -4.79 13.99
C ILE A 119 6.89 -3.98 12.82
N PRO A 120 7.89 -3.14 13.10
CA PRO A 120 8.64 -2.40 12.13
C PRO A 120 9.06 -3.35 11.03
N PRO A 121 8.85 -2.95 9.78
CA PRO A 121 9.13 -3.85 8.66
C PRO A 121 10.63 -4.12 8.41
N ASN A 122 11.47 -3.20 8.85
CA ASN A 122 12.93 -3.38 8.67
C ASN A 122 13.63 -4.39 9.62
N LEU A 123 12.94 -4.90 10.64
CA LEU A 123 13.49 -5.98 11.47
C LEU A 123 13.62 -7.28 10.68
N PRO A 124 14.66 -8.08 10.96
CA PRO A 124 14.78 -9.39 10.27
C PRO A 124 13.61 -10.29 10.59
N CYS A 125 13.28 -11.18 9.64
CA CYS A 125 12.25 -12.21 9.81
C CYS A 125 12.78 -13.34 10.69
N SER A 126 11.90 -14.14 11.21
CA SER A 126 12.33 -15.33 11.96
C SER A 126 13.24 -16.22 11.13
N VAL A 127 14.35 -16.66 11.69
CA VAL A 127 15.28 -17.51 10.97
C VAL A 127 16.10 -18.26 11.99
N THR A 128 16.33 -19.53 11.72
CA THR A 128 17.19 -20.37 12.55
C THR A 128 18.14 -21.13 11.70
N LEU A 129 19.40 -21.16 12.11
CA LEU A 129 20.41 -21.94 11.39
C LEU A 129 21.10 -22.90 12.34
N GLN A 130 21.10 -24.19 12.00
CA GLN A 130 21.86 -25.22 12.78
C GLN A 130 23.00 -25.80 11.99
N ALA A 139 24.51 -23.18 16.72
CA ALA A 139 23.23 -22.63 16.26
C ALA A 139 22.90 -21.19 16.67
N CYS A 140 22.13 -20.54 15.80
CA CYS A 140 21.71 -19.17 16.02
C CYS A 140 20.49 -18.79 15.21
N GLY A 141 19.94 -17.65 15.61
CA GLY A 141 18.78 -17.07 14.95
C GLY A 141 18.22 -15.77 15.49
N VAL A 142 17.14 -15.38 14.83
CA VAL A 142 16.34 -14.30 15.20
C VAL A 142 14.96 -14.87 15.59
N ASP A 143 14.46 -14.48 16.77
CA ASP A 143 13.18 -14.92 17.29
C ASP A 143 12.38 -13.76 17.78
N TYR A 144 11.04 -13.93 17.83
CA TYR A 144 10.05 -12.97 18.24
C TYR A 144 9.29 -13.62 19.39
N GLU A 145 9.30 -12.99 20.55
CA GLU A 145 8.64 -13.63 21.64
C GLU A 145 7.61 -12.68 22.20
N VAL A 146 6.35 -13.14 22.30
CA VAL A 146 5.33 -12.37 23.06
C VAL A 146 5.29 -12.81 24.50
N LYS A 147 5.33 -11.86 25.43
CA LYS A 147 5.41 -12.14 26.88
C LYS A 147 4.34 -11.33 27.60
N ALA A 148 3.34 -12.03 28.15
CA ALA A 148 2.37 -11.39 29.04
C ALA A 148 2.62 -11.72 30.53
N PHE A 149 2.63 -10.67 31.36
CA PHE A 149 2.87 -10.79 32.81
C PHE A 149 2.06 -9.80 33.71
N CYS A 150 1.96 -10.10 35.00
CA CYS A 150 1.35 -9.19 35.97
C CYS A 150 2.41 -8.61 36.86
N ALA A 151 2.48 -7.29 37.04
CA ALA A 151 3.52 -6.66 37.87
C ALA A 151 3.38 -5.13 38.05
N GLU A 152 3.82 -4.58 39.19
CA GLU A 152 3.56 -3.13 39.55
C GLU A 152 4.15 -2.07 38.60
N ASN A 153 5.48 -1.98 38.50
CA ASN A 153 6.13 -1.19 37.47
C ASN A 153 6.54 -2.08 36.30
N LEU A 154 7.14 -1.53 35.24
CA LEU A 154 7.80 -2.36 34.22
C LEU A 154 9.13 -2.95 34.69
N GLU A 155 9.78 -2.28 35.64
CA GLU A 155 11.04 -2.75 36.22
C GLU A 155 10.76 -3.49 37.51
N GLU A 156 10.55 -4.80 37.42
CA GLU A 156 10.11 -5.60 38.56
C GLU A 156 10.39 -7.08 38.33
N LYS A 157 10.27 -7.90 39.37
CA LYS A 157 10.63 -9.31 39.29
C LYS A 157 9.52 -10.12 38.63
N ILE A 158 9.78 -10.57 37.40
CA ILE A 158 8.86 -11.44 36.66
C ILE A 158 8.86 -12.89 37.17
N HIS A 159 7.69 -13.46 37.47
CA HIS A 159 7.68 -14.85 37.95
C HIS A 159 7.13 -15.79 36.88
N LYS A 160 8.02 -16.56 36.27
CA LYS A 160 7.64 -17.60 35.32
C LYS A 160 6.55 -18.51 35.91
N ARG A 161 5.44 -17.93 36.33
CA ARG A 161 4.45 -18.71 37.06
C ARG A 161 3.08 -18.14 36.78
N ASN A 162 2.99 -16.81 36.87
CA ASN A 162 1.82 -16.08 36.38
C ASN A 162 2.13 -15.18 35.15
N SER A 163 3.14 -15.56 34.36
CA SER A 163 3.40 -14.89 33.06
C SER A 163 3.28 -15.93 31.96
N VAL A 164 3.11 -15.46 30.73
CA VAL A 164 3.03 -16.39 29.57
C VAL A 164 3.87 -15.87 28.36
N ARG A 165 4.57 -16.80 27.71
CA ARG A 165 5.51 -16.55 26.66
C ARG A 165 5.15 -17.43 25.50
N LEU A 166 5.10 -16.79 24.31
CA LEU A 166 4.71 -17.31 23.00
C LEU A 166 5.73 -16.93 21.97
N VAL A 167 6.25 -17.90 21.22
CA VAL A 167 7.12 -17.58 20.11
C VAL A 167 6.23 -17.45 18.86
N ILE A 168 6.08 -16.22 18.38
CA ILE A 168 5.44 -15.91 17.11
C ILE A 168 6.52 -15.81 16.02
N ARG A 169 6.10 -15.83 14.75
CA ARG A 169 7.06 -15.59 13.66
C ARG A 169 6.68 -14.38 12.82
N LYS A 170 7.70 -13.64 12.36
CA LYS A 170 7.53 -12.78 11.19
C LYS A 170 8.05 -13.53 9.94
N VAL A 171 7.20 -13.69 8.92
CA VAL A 171 7.60 -14.39 7.66
C VAL A 171 7.53 -13.40 6.52
N GLN A 172 8.42 -13.50 5.53
CA GLN A 172 8.47 -12.49 4.50
C GLN A 172 7.67 -12.89 3.23
N TYR A 173 6.71 -12.03 2.87
CA TYR A 173 6.08 -12.04 1.56
C TYR A 173 6.73 -11.03 0.61
N ALA A 174 6.68 -11.30 -0.69
CA ALA A 174 6.87 -10.26 -1.71
C ALA A 174 6.10 -10.58 -2.96
N PRO A 175 5.57 -9.55 -3.69
CA PRO A 175 4.88 -9.93 -4.95
C PRO A 175 5.82 -10.34 -6.09
N GLU A 176 5.27 -11.06 -7.05
CA GLU A 176 5.99 -11.36 -8.30
C GLU A 176 6.30 -10.07 -9.04
N ARG A 177 7.39 -10.09 -9.81
CA ARG A 177 7.98 -8.90 -10.49
C ARG A 177 7.45 -8.87 -11.92
N PRO A 178 7.06 -7.69 -12.40
CA PRO A 178 6.82 -7.47 -13.80
C PRO A 178 8.11 -7.69 -14.61
N GLY A 179 7.97 -8.04 -15.87
CA GLY A 179 9.06 -7.77 -16.84
C GLY A 179 9.95 -8.99 -17.02
N PRO A 180 11.23 -8.79 -17.46
CA PRO A 180 12.09 -9.94 -17.88
C PRO A 180 12.44 -10.89 -16.74
N GLN A 181 12.54 -12.20 -17.00
CA GLN A 181 12.94 -13.17 -16.02
C GLN A 181 14.46 -13.19 -15.88
N PRO A 182 14.97 -14.05 -15.00
CA PRO A 182 16.42 -14.25 -14.79
C PRO A 182 17.14 -14.99 -15.91
N THR A 183 18.36 -14.55 -16.23
CA THR A 183 19.09 -15.01 -17.40
C THR A 183 20.60 -14.89 -17.24
N ALA A 184 21.32 -15.92 -17.68
CA ALA A 184 22.72 -16.04 -17.41
C ALA A 184 23.30 -16.74 -18.58
N GLU A 185 24.51 -16.40 -18.95
CA GLU A 185 25.12 -17.22 -19.98
C GLU A 185 26.62 -17.26 -19.93
N THR A 186 27.20 -18.31 -20.47
CA THR A 186 28.65 -18.44 -20.36
C THR A 186 29.20 -19.05 -21.65
N THR A 187 30.48 -18.85 -21.92
CA THR A 187 31.15 -19.35 -23.08
C THR A 187 32.49 -19.86 -22.64
N ARG A 188 32.78 -21.12 -23.01
CA ARG A 188 34.07 -21.72 -22.74
C ARG A 188 34.82 -22.07 -24.01
N GLN A 189 36.12 -21.73 -24.06
CA GLN A 189 37.05 -22.30 -25.03
C GLN A 189 38.01 -23.16 -24.30
N PHE A 190 38.19 -24.38 -24.80
CA PHE A 190 39.00 -25.42 -24.13
C PHE A 190 40.40 -25.35 -24.69
N LEU A 191 41.32 -25.98 -24.01
CA LEU A 191 42.69 -26.01 -24.43
C LEU A 191 42.83 -26.32 -25.91
N MET A 192 43.79 -25.68 -26.54
CA MET A 192 44.07 -26.04 -27.91
C MET A 192 42.95 -25.67 -28.88
N SER A 193 41.82 -25.16 -28.41
CA SER A 193 40.75 -24.92 -29.39
C SER A 193 40.30 -23.44 -29.31
N ASP A 194 39.60 -22.98 -30.32
CA ASP A 194 38.95 -21.67 -30.17
C ASP A 194 37.44 -21.76 -30.45
N LYS A 195 36.94 -22.96 -30.70
CA LYS A 195 35.52 -23.18 -30.76
C LYS A 195 34.87 -23.11 -29.37
N PRO A 196 33.79 -22.35 -29.31
CA PRO A 196 33.08 -22.08 -28.08
C PRO A 196 32.06 -23.22 -27.72
N LEU A 197 31.99 -23.55 -26.43
CA LEU A 197 30.78 -24.18 -25.83
C LEU A 197 30.00 -23.10 -25.11
N HIS A 198 28.80 -22.81 -25.57
CA HIS A 198 27.96 -21.73 -25.06
C HIS A 198 26.79 -22.30 -24.27
N LEU A 199 26.59 -21.78 -23.06
CA LEU A 199 25.46 -22.16 -22.21
C LEU A 199 24.64 -20.93 -21.85
N GLU A 200 23.33 -20.98 -22.11
CA GLU A 200 22.39 -20.00 -21.57
C GLU A 200 21.26 -20.65 -20.83
N ALA A 201 20.82 -20.02 -19.75
CA ALA A 201 19.77 -20.58 -18.88
C ALA A 201 18.94 -19.41 -18.44
N SER A 202 17.66 -19.62 -18.20
CA SER A 202 16.86 -18.65 -17.48
C SER A 202 15.83 -19.37 -16.58
N LEU A 203 15.23 -18.62 -15.69
CA LEU A 203 14.24 -19.20 -14.81
C LEU A 203 12.86 -18.73 -15.26
N ASP A 204 11.78 -19.44 -14.96
CA ASP A 204 10.46 -18.95 -15.37
C ASP A 204 10.01 -17.75 -14.48
N LYS A 205 10.67 -17.50 -13.33
CA LYS A 205 10.23 -16.37 -12.45
C LYS A 205 11.39 -15.71 -11.75
N GLU A 206 11.22 -14.52 -11.20
CA GLU A 206 12.19 -14.03 -10.23
C GLU A 206 11.85 -14.34 -8.78
N ILE A 207 10.55 -14.42 -8.49
CA ILE A 207 10.02 -14.63 -7.19
C ILE A 207 9.27 -15.95 -7.11
N TYR A 208 9.75 -16.84 -6.26
CA TYR A 208 9.16 -18.16 -5.96
C TYR A 208 8.68 -18.25 -4.53
N TYR A 209 7.62 -19.02 -4.31
CA TYR A 209 7.03 -19.24 -2.97
C TYR A 209 7.38 -20.64 -2.48
N HIS A 210 7.34 -20.84 -1.16
CA HIS A 210 7.64 -22.14 -0.64
C HIS A 210 6.80 -23.20 -1.33
N GLY A 211 7.38 -24.32 -1.72
CA GLY A 211 6.61 -25.41 -2.29
C GLY A 211 6.46 -25.23 -3.80
N GLU A 212 6.78 -24.05 -4.32
CA GLU A 212 6.60 -23.73 -5.79
C GLU A 212 7.74 -24.26 -6.68
N PRO A 213 7.39 -24.96 -7.73
CA PRO A 213 8.43 -25.50 -8.61
C PRO A 213 9.15 -24.40 -9.43
N ILE A 214 10.43 -24.62 -9.70
CA ILE A 214 11.22 -23.70 -10.46
C ILE A 214 11.49 -24.29 -11.81
N SER A 215 11.12 -23.61 -12.89
CA SER A 215 11.42 -24.16 -14.25
C SER A 215 12.63 -23.47 -14.79
N VAL A 216 13.56 -24.29 -15.24
CA VAL A 216 14.83 -23.83 -15.76
C VAL A 216 14.95 -24.11 -17.27
N ASN A 217 15.04 -23.07 -18.10
CA ASN A 217 15.24 -23.22 -19.56
C ASN A 217 16.74 -23.24 -19.86
N VAL A 218 17.19 -24.34 -20.44
CA VAL A 218 18.57 -24.57 -20.69
C VAL A 218 18.78 -24.65 -22.25
N HIS A 219 19.72 -23.84 -22.79
CA HIS A 219 20.10 -23.76 -24.17
C HIS A 219 21.62 -23.90 -24.24
N VAL A 220 22.08 -24.97 -24.88
CA VAL A 220 23.49 -25.24 -25.18
C VAL A 220 23.76 -25.15 -26.72
N THR A 221 24.80 -24.42 -27.09
CA THR A 221 25.39 -24.50 -28.43
C THR A 221 26.78 -25.07 -28.24
N ASN A 222 26.97 -26.30 -28.63
CA ASN A 222 28.25 -26.92 -28.52
C ASN A 222 29.01 -26.94 -29.87
N ASN A 223 29.87 -25.95 -30.12
CA ASN A 223 30.63 -25.94 -31.36
C ASN A 223 31.98 -26.56 -31.21
N THR A 224 32.25 -27.21 -30.07
CA THR A 224 33.56 -27.79 -29.81
C THR A 224 33.64 -29.25 -30.33
N ASN A 225 34.74 -29.94 -30.05
CA ASN A 225 34.73 -31.36 -30.31
C ASN A 225 34.61 -32.14 -29.04
N LYS A 226 34.13 -31.54 -27.95
CA LYS A 226 33.86 -32.32 -26.74
C LYS A 226 32.39 -32.63 -26.70
N THR A 227 32.04 -33.68 -25.97
CA THR A 227 30.66 -34.04 -25.70
C THR A 227 30.28 -33.69 -24.28
N VAL A 228 29.18 -32.99 -24.10
CA VAL A 228 28.50 -32.92 -22.79
C VAL A 228 27.87 -34.27 -22.45
N LYS A 229 28.37 -34.88 -21.36
CA LYS A 229 27.98 -36.22 -20.87
C LYS A 229 26.70 -36.16 -20.05
N LYS A 230 26.53 -35.11 -19.24
CA LYS A 230 25.24 -34.96 -18.49
C LYS A 230 24.99 -33.56 -18.11
N ILE A 231 23.78 -33.30 -17.58
CA ILE A 231 23.41 -31.97 -17.08
C ILE A 231 22.88 -32.02 -15.63
N LYS A 232 23.37 -31.08 -14.80
CA LYS A 232 23.12 -31.12 -13.36
C LYS A 232 22.60 -29.79 -13.01
N ILE A 233 21.46 -29.79 -12.34
CA ILE A 233 20.82 -28.56 -11.94
C ILE A 233 20.63 -28.64 -10.45
N SER A 234 21.04 -27.62 -9.71
CA SER A 234 20.82 -27.60 -8.25
C SER A 234 20.27 -26.24 -7.81
N VAL A 235 19.57 -26.26 -6.66
CA VAL A 235 19.16 -25.06 -5.96
C VAL A 235 20.05 -25.00 -4.72
N ARG A 236 20.78 -23.90 -4.56
CA ARG A 236 21.69 -23.79 -3.42
C ARG A 236 21.24 -22.61 -2.55
N GLN A 237 21.21 -22.81 -1.23
CA GLN A 237 21.07 -21.68 -0.29
C GLN A 237 22.39 -21.16 0.21
N TYR A 238 22.50 -19.83 0.41
CA TYR A 238 23.66 -19.20 0.99
C TYR A 238 23.20 -18.52 2.26
N ALA A 239 23.88 -18.69 3.38
CA ALA A 239 23.41 -18.07 4.63
C ALA A 239 24.61 -17.48 5.28
N ASP A 240 24.66 -16.17 5.46
CA ASP A 240 25.72 -15.54 6.20
C ASP A 240 25.33 -15.18 7.61
N ILE A 241 26.14 -15.59 8.60
CA ILE A 241 26.00 -15.16 9.96
C ILE A 241 26.75 -13.88 10.07
N CYS A 242 26.08 -12.81 10.47
CA CYS A 242 26.69 -11.46 10.48
C CYS A 242 27.04 -10.87 11.83
N LEU A 243 26.67 -11.53 12.91
CA LEU A 243 26.96 -11.08 14.27
C LEU A 243 27.81 -12.08 14.98
N PHE A 244 28.66 -11.55 15.84
CA PHE A 244 29.29 -12.31 16.94
C PHE A 244 30.35 -13.27 16.42
N ASN A 245 29.91 -14.26 15.69
CA ASN A 245 30.82 -15.21 15.14
C ASN A 245 30.54 -15.39 13.65
N THR A 246 31.11 -14.53 12.83
CA THR A 246 30.65 -14.54 11.44
C THR A 246 31.09 -15.80 10.64
N ALA A 247 30.31 -16.17 9.63
CA ALA A 247 30.46 -17.41 8.92
C ALA A 247 29.55 -17.36 7.71
N GLN A 248 29.94 -18.11 6.68
CA GLN A 248 29.16 -18.26 5.47
C GLN A 248 28.91 -19.72 5.18
N TYR A 249 27.64 -20.12 5.16
CA TYR A 249 27.27 -21.47 4.78
C TYR A 249 26.69 -21.54 3.39
N LYS A 250 27.01 -22.62 2.71
CA LYS A 250 26.28 -23.02 1.50
C LYS A 250 25.68 -24.42 1.70
N CYS A 251 24.66 -24.75 0.94
CA CYS A 251 23.95 -25.97 1.14
C CYS A 251 22.88 -26.18 0.04
N PRO A 252 22.96 -27.30 -0.67
CA PRO A 252 21.96 -27.62 -1.71
C PRO A 252 20.60 -27.99 -1.15
N VAL A 253 19.51 -27.48 -1.71
CA VAL A 253 18.13 -27.82 -1.27
C VAL A 253 17.30 -28.48 -2.41
N ALA A 254 17.93 -28.69 -3.59
CA ALA A 254 17.38 -29.50 -4.67
C ALA A 254 18.53 -29.81 -5.63
N MET A 255 18.56 -31.02 -6.16
CA MET A 255 19.58 -31.44 -7.08
C MET A 255 18.91 -32.39 -8.05
N GLU A 256 18.99 -32.12 -9.36
CA GLU A 256 18.62 -33.10 -10.40
C GLU A 256 19.78 -33.30 -11.35
N GLU A 257 20.05 -34.53 -11.76
CA GLU A 257 20.90 -34.66 -12.93
C GLU A 257 20.19 -35.43 -14.02
N ALA A 258 20.50 -35.05 -15.25
CA ALA A 258 19.90 -35.76 -16.36
C ALA A 258 21.00 -36.28 -17.24
N ASP A 259 20.85 -37.50 -17.72
CA ASP A 259 21.85 -37.95 -18.67
C ASP A 259 21.46 -37.48 -20.04
N ASP A 260 21.46 -36.19 -20.23
CA ASP A 260 21.17 -35.64 -21.49
C ASP A 260 22.52 -35.20 -22.01
N THR A 261 22.79 -35.56 -23.26
CA THR A 261 24.12 -35.36 -23.85
C THR A 261 24.04 -34.31 -24.94
N VAL A 262 25.10 -33.53 -25.11
CA VAL A 262 25.15 -32.54 -26.21
C VAL A 262 26.38 -32.91 -27.01
N ALA A 263 26.15 -33.43 -28.22
CA ALA A 263 27.22 -33.83 -29.14
C ALA A 263 28.04 -32.66 -29.73
N PRO A 264 29.31 -32.91 -30.18
CA PRO A 264 30.02 -31.87 -30.99
C PRO A 264 29.18 -31.27 -32.12
N SER A 265 29.28 -29.97 -32.32
CA SER A 265 28.42 -29.29 -33.32
C SER A 265 26.93 -29.61 -33.21
N SER A 266 26.33 -29.42 -32.04
CA SER A 266 24.88 -29.66 -31.93
C SER A 266 24.31 -28.68 -30.88
N THR A 267 23.01 -28.42 -30.92
CA THR A 267 22.42 -27.50 -29.97
C THR A 267 21.50 -28.37 -29.11
N PHE A 268 21.10 -27.86 -27.95
CA PHE A 268 20.22 -28.58 -27.08
C PHE A 268 19.33 -27.54 -26.37
N CYS A 269 18.03 -27.68 -26.44
CA CYS A 269 17.11 -26.91 -25.65
C CYS A 269 16.22 -27.88 -24.93
N LYS A 270 16.09 -27.60 -23.65
CA LYS A 270 15.22 -28.35 -22.72
C LYS A 270 14.86 -27.52 -21.49
N VAL A 271 13.62 -27.64 -21.03
CA VAL A 271 13.16 -27.13 -19.71
C VAL A 271 13.22 -28.20 -18.62
N TYR A 272 13.85 -27.90 -17.49
CA TYR A 272 13.89 -28.83 -16.36
C TYR A 272 13.14 -28.19 -15.22
N THR A 273 12.53 -28.99 -14.38
CA THR A 273 11.82 -28.48 -13.20
C THR A 273 12.35 -29.08 -11.91
N LEU A 274 12.60 -28.22 -10.94
CA LEU A 274 13.12 -28.54 -9.60
C LEU A 274 12.26 -27.81 -8.62
N THR A 275 12.00 -28.41 -7.48
CA THR A 275 11.50 -27.67 -6.33
C THR A 275 12.36 -27.76 -5.06
N PRO A 276 12.77 -26.63 -4.50
CA PRO A 276 13.50 -26.64 -3.22
C PRO A 276 12.61 -27.13 -2.07
N PHE A 277 13.07 -28.11 -1.30
CA PHE A 277 12.22 -28.76 -0.30
C PHE A 277 12.97 -28.96 1.04
N LEU A 278 12.30 -28.69 2.15
CA LEU A 278 12.88 -29.00 3.45
C LEU A 278 12.85 -30.55 3.64
N ALA A 279 11.75 -31.24 3.38
CA ALA A 279 11.81 -32.67 3.76
C ALA A 279 13.21 -33.28 3.50
N LYS A 284 21.05 -32.41 7.34
CA LYS A 284 21.47 -31.12 6.73
C LYS A 284 21.85 -29.96 7.73
N ARG A 285 23.14 -29.90 8.06
CA ARG A 285 23.61 -28.87 8.96
C ARG A 285 23.82 -27.62 8.16
N GLY A 286 23.83 -26.47 8.84
CA GLY A 286 24.19 -25.26 8.16
C GLY A 286 23.02 -24.75 7.34
N LEU A 287 21.82 -25.28 7.51
CA LEU A 287 20.76 -24.79 6.62
C LEU A 287 19.88 -23.72 7.32
N ALA A 288 19.62 -22.56 6.74
CA ALA A 288 18.68 -21.59 7.33
C ALA A 288 17.24 -22.02 7.09
N LEU A 289 16.43 -21.99 8.14
CA LEU A 289 15.02 -22.36 8.18
C LEU A 289 14.26 -21.19 8.72
N ASP A 290 12.94 -21.10 8.55
CA ASP A 290 12.23 -19.99 9.19
C ASP A 290 11.65 -20.28 10.60
N GLY A 291 12.19 -21.24 11.36
CA GLY A 291 11.36 -22.02 12.25
C GLY A 291 12.26 -23.10 12.81
N LYS A 292 11.81 -23.80 13.87
CA LYS A 292 12.57 -24.89 14.46
C LYS A 292 12.33 -26.14 13.65
N LEU A 293 13.38 -26.91 13.50
CA LEU A 293 13.34 -28.00 12.57
C LEU A 293 12.31 -28.99 13.03
N LYS A 294 12.04 -29.00 14.34
CA LYS A 294 11.06 -29.91 14.93
C LYS A 294 9.57 -29.60 14.65
N HIS A 295 9.23 -28.45 14.06
CA HIS A 295 7.82 -28.10 13.82
C HIS A 295 7.38 -28.33 12.40
N GLU A 296 6.11 -28.72 12.27
CA GLU A 296 5.58 -29.11 10.96
C GLU A 296 5.54 -27.93 10.00
N ASP A 297 5.31 -26.74 10.55
CA ASP A 297 5.06 -25.58 9.69
C ASP A 297 6.38 -24.79 9.33
N THR A 298 7.54 -25.36 9.61
CA THR A 298 8.78 -24.71 9.26
C THR A 298 9.11 -24.93 7.79
N ASN A 299 9.71 -23.94 7.17
CA ASN A 299 10.10 -23.93 5.77
C ASN A 299 11.54 -23.62 5.72
N LEU A 300 12.18 -23.85 4.60
CA LEU A 300 13.39 -23.11 4.27
C LEU A 300 13.23 -21.64 4.50
N ALA A 301 14.32 -21.01 4.91
CA ALA A 301 14.29 -19.60 5.17
C ALA A 301 13.98 -18.84 3.85
N SER A 302 13.27 -17.72 3.97
CA SER A 302 13.01 -16.87 2.87
C SER A 302 14.30 -16.06 2.60
N SER A 303 14.45 -15.62 1.36
CA SER A 303 15.47 -14.68 0.98
C SER A 303 15.41 -13.42 1.81
N THR A 304 16.55 -12.95 2.27
CA THR A 304 16.56 -11.74 3.03
C THR A 304 16.33 -10.57 2.06
N LEU A 305 15.24 -9.79 2.19
CA LEU A 305 15.11 -8.58 1.38
C LEU A 305 16.04 -7.51 1.98
N LEU A 306 17.02 -7.06 1.24
CA LEU A 306 17.86 -6.02 1.80
C LEU A 306 17.60 -4.60 1.19
N ARG A 307 17.04 -3.69 2.00
CA ARG A 307 16.99 -2.27 1.69
C ARG A 307 18.35 -1.74 1.25
N GLU A 308 18.38 -0.69 0.44
CA GLU A 308 19.69 -0.19 -0.03
C GLU A 308 20.48 0.51 1.09
N GLY A 309 21.77 0.21 1.23
CA GLY A 309 22.48 0.42 2.52
C GLY A 309 21.72 0.24 3.84
N ALA A 310 21.16 -0.94 4.10
CA ALA A 310 20.63 -1.17 5.43
C ALA A 310 21.71 -1.81 6.27
N ASN A 311 21.57 -1.67 7.58
CA ASN A 311 22.51 -2.37 8.47
C ASN A 311 22.40 -3.90 8.39
N ARG A 312 23.39 -4.45 7.70
CA ARG A 312 23.53 -5.82 7.35
C ARG A 312 24.28 -6.52 8.47
N GLU A 313 23.93 -6.22 9.72
CA GLU A 313 24.58 -6.70 10.92
C GLU A 313 23.43 -6.84 11.88
N ILE A 314 22.52 -5.86 11.98
CA ILE A 314 21.34 -6.01 12.86
C ILE A 314 20.28 -6.92 12.16
N LEU A 315 20.64 -7.49 11.02
CA LEU A 315 19.79 -8.50 10.44
C LEU A 315 20.18 -9.90 10.91
N GLY A 316 21.42 -10.05 11.39
CA GLY A 316 21.93 -11.27 12.01
C GLY A 316 22.27 -12.38 11.03
N ILE A 317 21.28 -12.84 10.27
CA ILE A 317 21.51 -13.85 9.22
C ILE A 317 20.97 -13.33 7.87
N ILE A 318 21.83 -13.33 6.83
CA ILE A 318 21.45 -13.00 5.44
C ILE A 318 21.30 -14.27 4.60
N VAL A 319 20.12 -14.53 4.07
CA VAL A 319 19.84 -15.75 3.32
C VAL A 319 19.56 -15.38 1.87
N SER A 320 20.10 -16.17 0.95
CA SER A 320 19.80 -16.03 -0.46
C SER A 320 19.92 -17.34 -1.19
N TYR A 321 19.52 -17.37 -2.48
CA TYR A 321 19.32 -18.62 -3.18
C TYR A 321 19.78 -18.45 -4.61
N LYS A 322 20.34 -19.49 -5.19
CA LYS A 322 20.67 -19.52 -6.63
C LYS A 322 20.31 -20.85 -7.24
N VAL A 323 19.96 -20.86 -8.53
CA VAL A 323 19.95 -22.06 -9.30
C VAL A 323 21.35 -22.17 -10.00
N LYS A 324 21.94 -23.35 -9.99
CA LYS A 324 23.17 -23.58 -10.71
C LYS A 324 22.87 -24.58 -11.83
N VAL A 325 23.28 -24.29 -13.07
CA VAL A 325 23.15 -25.27 -14.14
C VAL A 325 24.54 -25.71 -14.61
N LYS A 326 24.83 -27.00 -14.59
CA LYS A 326 26.18 -27.39 -14.90
C LYS A 326 26.21 -28.41 -16.05
N LEU A 327 27.06 -28.16 -17.04
CA LEU A 327 27.35 -29.10 -18.12
C LEU A 327 28.46 -29.97 -17.71
N VAL A 328 28.27 -31.28 -17.58
CA VAL A 328 29.39 -32.10 -17.27
C VAL A 328 30.02 -32.56 -18.60
N VAL A 329 31.24 -32.08 -18.83
CA VAL A 329 31.95 -32.24 -20.07
C VAL A 329 32.90 -33.46 -20.02
N SER A 330 32.81 -34.30 -21.04
CA SER A 330 33.76 -35.38 -21.26
C SER A 330 35.19 -34.93 -21.64
N ARG A 331 36.21 -35.36 -20.92
CA ARG A 331 37.57 -34.93 -21.22
C ARG A 331 37.75 -33.40 -21.23
N GLY A 332 37.00 -32.67 -20.41
CA GLY A 332 37.16 -31.21 -20.34
C GLY A 332 36.53 -30.75 -19.06
N GLY A 333 36.87 -29.53 -18.63
CA GLY A 333 36.31 -29.01 -17.41
C GLY A 333 34.82 -28.78 -17.60
N ASP A 334 34.04 -28.85 -16.54
CA ASP A 334 32.63 -28.50 -16.66
C ASP A 334 32.37 -26.99 -16.88
N VAL A 335 31.19 -26.68 -17.40
CA VAL A 335 30.75 -25.34 -17.74
C VAL A 335 29.47 -25.12 -17.04
N ALA A 336 29.36 -24.02 -16.30
CA ALA A 336 28.21 -23.73 -15.42
C ALA A 336 27.80 -22.26 -15.48
N VAL A 337 26.52 -21.99 -15.23
CA VAL A 337 25.97 -20.65 -14.91
C VAL A 337 25.18 -20.75 -13.59
N GLU A 338 24.93 -19.62 -12.96
CA GLU A 338 24.12 -19.46 -11.78
C GLU A 338 23.11 -18.39 -12.00
N LEU A 339 21.93 -18.56 -11.43
CA LEU A 339 20.83 -17.70 -11.69
C LEU A 339 20.19 -17.39 -10.37
N PRO A 340 20.42 -16.18 -9.83
CA PRO A 340 19.93 -15.78 -8.53
C PRO A 340 18.40 -15.77 -8.59
N PHE A 341 17.76 -16.12 -7.49
CA PHE A 341 16.33 -15.97 -7.41
C PHE A 341 15.89 -15.70 -5.96
N THR A 342 14.64 -15.26 -5.78
CA THR A 342 14.17 -14.93 -4.46
C THR A 342 13.07 -15.88 -3.98
N LEU A 343 13.23 -16.41 -2.77
CA LEU A 343 12.27 -17.33 -2.21
C LEU A 343 11.48 -16.67 -1.08
N MET A 344 10.16 -16.64 -1.19
CA MET A 344 9.31 -15.86 -0.32
C MET A 344 8.34 -16.78 0.36
N HIS A 345 7.87 -16.38 1.53
CA HIS A 345 6.63 -16.94 2.09
C HIS A 345 5.39 -16.47 1.33
N PRO A 346 4.46 -17.36 1.07
CA PRO A 346 3.25 -16.96 0.38
C PRO A 346 2.34 -16.02 1.19
N LYS A 347 1.51 -15.24 0.50
CA LYS A 347 0.59 -14.36 1.15
C LYS A 347 -0.52 -15.19 1.80
N PRO A 348 -1.08 -14.67 2.90
CA PRO A 348 -2.18 -15.36 3.55
C PRO A 348 -3.30 -15.67 2.59
N LYS A 349 -3.91 -16.85 2.69
CA LYS A 349 -5.08 -17.19 1.86
C LYS A 349 -6.41 -16.83 2.55
N ASP A 365 -32.44 -13.07 -5.40
CA ASP A 365 -31.29 -12.38 -4.83
C ASP A 365 -30.79 -11.25 -5.72
N THR A 366 -31.23 -10.03 -5.41
CA THR A 366 -30.90 -8.86 -6.24
C THR A 366 -29.54 -8.22 -5.92
N ASN A 367 -28.93 -8.63 -4.80
CA ASN A 367 -27.85 -7.91 -4.16
C ASN A 367 -26.61 -7.86 -5.05
N LEU A 368 -26.04 -6.67 -5.21
CA LEU A 368 -24.83 -6.47 -6.04
C LEU A 368 -23.55 -6.86 -5.31
N ILE A 369 -23.67 -7.10 -4.01
CA ILE A 369 -22.57 -7.56 -3.18
C ILE A 369 -23.05 -8.74 -2.31
N GLU A 370 -22.14 -9.63 -1.89
CA GLU A 370 -22.51 -10.72 -0.98
C GLU A 370 -21.78 -10.72 0.39
N LEU A 371 -22.50 -10.70 1.52
CA LEU A 371 -21.86 -10.45 2.86
C LEU A 371 -21.74 -11.64 3.93
N ASP A 372 -22.79 -12.41 4.21
CA ASP A 372 -22.65 -13.57 5.14
C ASP A 372 -23.49 -13.50 6.42
N ILE A 378 -15.91 -19.83 15.39
CA ILE A 378 -14.88 -19.41 16.36
C ILE A 378 -14.42 -20.51 17.37
N VAL A 379 -13.47 -21.34 16.96
CA VAL A 379 -12.99 -22.44 17.77
C VAL A 379 -11.58 -22.15 18.32
N PHE A 380 -11.27 -22.72 19.48
CA PHE A 380 -10.01 -22.45 20.19
C PHE A 380 -9.03 -23.60 20.09
N GLU A 381 -7.75 -23.26 19.98
CA GLU A 381 -6.70 -24.23 19.75
C GLU A 381 -5.53 -23.90 20.65
N ASP A 382 -4.70 -24.88 20.96
CA ASP A 382 -3.45 -24.57 21.63
C ASP A 382 -2.43 -23.97 20.67
N PHE A 383 -1.71 -22.98 21.17
CA PHE A 383 -0.54 -22.42 20.49
C PHE A 383 0.49 -23.47 20.06
N ALA A 384 0.90 -24.39 20.94
CA ALA A 384 1.64 -25.62 20.54
C ALA A 384 1.90 -25.69 19.04
N GLN B 3 19.22 20.15 2.24
CA GLN B 3 18.43 21.39 2.56
C GLN B 3 16.92 21.16 2.77
N ILE B 4 16.31 21.96 3.65
CA ILE B 4 14.93 21.72 4.09
C ILE B 4 13.84 22.05 3.03
N LEU B 5 12.68 21.38 3.17
CA LEU B 5 11.62 21.47 2.17
C LEU B 5 10.33 21.97 2.86
N PRO B 6 9.43 22.67 2.12
CA PRO B 6 8.23 23.17 2.80
C PRO B 6 7.12 22.11 2.96
N ILE B 7 7.33 20.93 2.37
CA ILE B 7 6.39 19.82 2.41
C ILE B 7 7.06 18.57 3.01
N ARG B 8 6.25 17.63 3.54
CA ARG B 8 6.71 16.25 3.77
C ARG B 8 6.01 15.34 2.73
N PHE B 9 6.79 14.56 2.00
CA PHE B 9 6.24 13.63 1.05
C PHE B 9 6.43 12.19 1.60
N GLN B 10 5.45 11.30 1.47
CA GLN B 10 5.61 9.95 2.00
C GLN B 10 5.10 8.93 1.07
N GLU B 11 5.78 7.83 0.89
CA GLU B 11 5.12 6.67 0.24
C GLU B 11 4.58 5.73 1.32
N HIS B 12 3.27 5.56 1.39
CA HIS B 12 2.70 4.83 2.49
C HIS B 12 2.76 3.32 2.21
N LEU B 13 2.54 2.94 0.98
CA LEU B 13 2.63 1.56 0.66
C LEU B 13 2.42 1.34 -0.83
N GLN B 14 2.88 0.21 -1.30
CA GLN B 14 2.62 -0.19 -2.63
C GLN B 14 1.62 -1.35 -2.62
N LEU B 15 0.51 -1.14 -3.31
CA LEU B 15 -0.63 -2.08 -3.24
C LEU B 15 -0.27 -3.45 -3.64
N GLN B 16 0.70 -3.60 -4.57
CA GLN B 16 1.10 -4.97 -4.98
C GLN B 16 1.77 -5.75 -3.88
N ASN B 17 2.32 -5.01 -2.91
CA ASN B 17 2.96 -5.67 -1.73
C ASN B 17 1.90 -6.30 -0.89
N LEU B 18 0.68 -5.80 -1.01
CA LEU B 18 -0.45 -6.41 -0.33
C LEU B 18 -1.02 -7.56 -1.13
N GLY B 19 -0.42 -7.89 -2.27
CA GLY B 19 -0.91 -8.99 -3.10
C GLY B 19 -1.95 -8.57 -4.12
N ILE B 20 -2.13 -7.27 -4.29
CA ILE B 20 -3.07 -6.73 -5.24
C ILE B 20 -2.50 -6.78 -6.68
N ASN B 21 -3.32 -7.28 -7.61
CA ASN B 21 -2.93 -7.44 -9.01
C ASN B 21 -2.79 -6.10 -9.72
N PRO B 22 -1.61 -5.84 -10.28
CA PRO B 22 -1.36 -4.50 -10.83
C PRO B 22 -2.30 -4.11 -12.01
N ALA B 23 -2.90 -5.11 -12.63
CA ALA B 23 -3.91 -4.86 -13.66
C ALA B 23 -5.11 -4.09 -13.11
N ASN B 24 -5.47 -4.38 -11.85
CA ASN B 24 -6.66 -3.78 -11.18
C ASN B 24 -6.42 -2.40 -10.61
N ILE B 25 -5.21 -1.91 -10.78
CA ILE B 25 -4.84 -0.65 -10.21
C ILE B 25 -5.03 0.45 -11.23
N GLY B 26 -6.24 0.94 -11.46
CA GLY B 26 -6.37 2.13 -12.30
C GLY B 26 -7.71 2.81 -12.10
N PHE B 27 -7.97 3.87 -12.86
CA PHE B 27 -9.09 4.80 -12.57
C PHE B 27 -10.46 4.08 -12.48
N SER B 28 -10.63 3.06 -13.30
CA SER B 28 -11.96 2.48 -13.44
C SER B 28 -12.21 1.33 -12.43
N THR B 29 -11.15 0.73 -11.90
CA THR B 29 -11.28 -0.43 -11.03
C THR B 29 -10.92 -0.08 -9.58
N LEU B 30 -10.38 1.11 -9.37
CA LEU B 30 -9.86 1.51 -8.07
C LEU B 30 -10.42 2.86 -7.67
N THR B 31 -11.08 2.89 -6.49
CA THR B 31 -11.60 4.15 -5.94
C THR B 31 -11.04 4.44 -4.55
N MET B 32 -10.90 5.71 -4.23
CA MET B 32 -10.53 6.14 -2.88
C MET B 32 -11.21 7.46 -2.62
N GLU B 33 -12.37 7.37 -1.98
CA GLU B 33 -13.22 8.46 -1.69
C GLU B 33 -12.80 9.27 -0.48
N SER B 34 -11.89 8.68 0.35
CA SER B 34 -11.34 9.33 1.48
C SER B 34 -10.07 8.64 1.77
N ASP B 35 -9.25 9.12 2.69
CA ASP B 35 -8.05 8.36 3.07
C ASP B 35 -8.33 7.11 3.95
N LYS B 36 -9.62 6.75 4.20
CA LYS B 36 -9.94 5.59 5.09
C LYS B 36 -9.96 4.25 4.34
N PHE B 37 -10.34 4.25 3.07
CA PHE B 37 -10.46 2.99 2.33
C PHE B 37 -9.93 3.15 0.92
N ILE B 38 -9.39 2.08 0.38
CA ILE B 38 -9.23 1.90 -1.03
C ILE B 38 -10.03 0.71 -1.42
N CYS B 39 -10.79 0.84 -2.49
CA CYS B 39 -11.68 -0.18 -2.94
C CYS B 39 -11.32 -0.60 -4.36
N ILE B 40 -11.08 -1.89 -4.54
CA ILE B 40 -10.65 -2.41 -5.85
C ILE B 40 -11.57 -3.54 -6.34
N ARG B 41 -12.07 -3.42 -7.56
CA ARG B 41 -12.79 -4.52 -8.19
C ARG B 41 -11.78 -5.41 -8.92
N GLU B 42 -11.74 -6.67 -8.47
CA GLU B 42 -10.87 -7.72 -9.06
C GLU B 42 -11.82 -8.71 -9.77
N LYS B 43 -11.62 -8.90 -11.08
CA LYS B 43 -12.25 -10.05 -11.79
C LYS B 43 -11.48 -11.38 -11.55
N GLY B 45 -11.69 -14.72 -12.39
CA GLY B 45 -12.33 -15.91 -12.97
C GLY B 45 -13.64 -15.62 -13.70
N ALA B 48 -16.76 -12.00 -10.06
CA ALA B 48 -16.26 -10.65 -9.69
C ALA B 48 -16.24 -10.37 -8.18
N GLN B 49 -15.32 -9.51 -7.78
CA GLN B 49 -15.36 -9.10 -6.39
C GLN B 49 -14.65 -7.81 -6.09
N VAL B 50 -14.89 -7.39 -4.87
CA VAL B 50 -14.32 -6.18 -4.42
C VAL B 50 -13.36 -6.53 -3.29
N VAL B 51 -12.20 -5.87 -3.35
CA VAL B 51 -11.28 -5.83 -2.25
C VAL B 51 -11.35 -4.46 -1.58
N ILE B 52 -11.78 -4.45 -0.31
CA ILE B 52 -11.85 -3.29 0.53
C ILE B 52 -10.60 -3.28 1.42
N ILE B 53 -9.68 -2.35 1.19
CA ILE B 53 -8.52 -2.10 2.00
C ILE B 53 -8.81 -1.03 3.04
N ASP B 54 -8.77 -1.38 4.31
CA ASP B 54 -8.98 -0.44 5.39
C ASP B 54 -7.68 0.19 5.65
N MET B 55 -7.49 1.50 5.51
CA MET B 55 -6.13 2.04 5.61
C MET B 55 -5.60 2.07 7.06
N ASN B 56 -6.44 1.76 8.06
CA ASN B 56 -5.93 1.61 9.43
C ASN B 56 -5.35 0.26 9.60
N ASP B 57 -5.54 -0.58 8.61
CA ASP B 57 -5.21 -1.95 8.85
C ASP B 57 -5.10 -2.65 7.51
N PRO B 58 -4.21 -2.12 6.62
CA PRO B 58 -4.27 -2.50 5.21
C PRO B 58 -3.93 -3.96 4.94
N SER B 59 -3.25 -4.61 5.92
CA SER B 59 -2.91 -6.05 5.98
C SER B 59 -4.10 -6.98 5.98
N ASN B 60 -5.24 -6.53 6.47
CA ASN B 60 -6.36 -7.46 6.53
C ASN B 60 -7.50 -6.93 5.67
N PRO B 61 -7.36 -7.01 4.32
CA PRO B 61 -8.36 -6.52 3.40
C PRO B 61 -9.56 -7.43 3.43
N ILE B 62 -10.78 -6.93 3.31
CA ILE B 62 -11.85 -7.91 3.16
C ILE B 62 -12.11 -8.11 1.64
N ARG B 63 -12.43 -9.34 1.25
CA ARG B 63 -12.87 -9.66 -0.14
C ARG B 63 -14.29 -10.20 -0.18
N ARG B 64 -15.11 -9.58 -1.03
CA ARG B 64 -16.50 -9.97 -1.11
C ARG B 64 -16.82 -10.14 -2.58
N PRO B 65 -17.70 -11.14 -2.90
CA PRO B 65 -18.25 -11.20 -4.26
C PRO B 65 -19.30 -10.10 -4.54
N ILE B 66 -19.16 -9.55 -5.74
CA ILE B 66 -20.01 -8.53 -6.32
C ILE B 66 -20.44 -8.84 -7.77
N SER B 67 -21.44 -8.10 -8.29
CA SER B 67 -21.82 -8.02 -9.73
C SER B 67 -22.09 -6.58 -10.16
N ALA B 68 -21.32 -5.66 -9.60
CA ALA B 68 -21.41 -4.27 -9.79
C ALA B 68 -20.44 -3.79 -10.87
N ASP B 69 -20.74 -2.71 -11.58
CA ASP B 69 -19.65 -2.19 -12.40
C ASP B 69 -18.91 -1.03 -11.72
N SER B 70 -19.25 -0.72 -10.47
CA SER B 70 -18.54 0.36 -9.74
C SER B 70 -18.91 0.21 -8.27
N ALA B 71 -17.97 0.54 -7.39
CA ALA B 71 -18.10 0.35 -5.96
C ALA B 71 -17.40 1.51 -5.36
N ILE B 72 -18.04 2.24 -4.47
CA ILE B 72 -17.43 3.42 -3.87
C ILE B 72 -17.71 3.35 -2.36
N MET B 73 -16.64 3.18 -1.60
CA MET B 73 -16.75 3.23 -0.13
C MET B 73 -17.16 4.58 0.42
N ASN B 74 -18.04 4.60 1.43
CA ASN B 74 -18.32 5.77 2.26
C ASN B 74 -17.03 6.44 2.76
N PRO B 75 -16.98 7.77 2.88
CA PRO B 75 -15.72 8.41 3.34
C PRO B 75 -15.28 8.06 4.73
N ALA B 76 -16.25 7.66 5.56
CA ALA B 76 -16.03 7.56 7.01
C ALA B 76 -16.41 6.15 7.55
N SER B 77 -17.52 5.65 7.10
CA SER B 77 -18.06 4.46 7.75
C SER B 77 -18.01 3.24 6.82
N LYS B 78 -18.24 2.07 7.42
CA LYS B 78 -18.20 0.82 6.68
C LYS B 78 -19.46 0.60 5.87
N VAL B 79 -19.70 1.46 4.88
CA VAL B 79 -20.87 1.51 4.09
C VAL B 79 -20.36 1.60 2.66
N ILE B 80 -20.96 0.85 1.75
CA ILE B 80 -20.49 0.77 0.38
C ILE B 80 -21.67 0.95 -0.55
N ALA B 81 -21.49 1.81 -1.54
CA ALA B 81 -22.45 1.95 -2.61
C ALA B 81 -21.97 1.17 -3.84
N LEU B 82 -22.89 0.50 -4.52
CA LEU B 82 -22.58 -0.37 -5.65
C LEU B 82 -23.55 -0.06 -6.74
N LYS B 83 -23.10 -0.09 -7.99
CA LYS B 83 -24.05 -0.04 -9.09
C LYS B 83 -23.75 -1.04 -10.25
N ALA B 84 -24.82 -1.37 -10.96
CA ALA B 84 -24.84 -2.34 -12.06
C ALA B 84 -25.82 -1.73 -13.00
N GLY B 85 -25.31 -1.00 -13.96
CA GLY B 85 -26.18 -0.38 -14.93
C GLY B 85 -26.84 0.77 -14.24
N LYS B 86 -28.18 0.74 -14.18
CA LYS B 86 -28.94 1.85 -13.61
C LYS B 86 -29.38 1.48 -12.20
N THR B 87 -29.06 0.26 -11.81
CA THR B 87 -29.35 -0.21 -10.51
C THR B 87 -28.28 0.22 -9.49
N LEU B 88 -28.68 1.03 -8.50
CA LEU B 88 -27.88 1.50 -7.34
C LEU B 88 -28.27 0.84 -6.06
N GLN B 89 -27.29 0.37 -5.29
CA GLN B 89 -27.56 -0.17 -3.99
C GLN B 89 -26.52 0.33 -2.97
N ILE B 90 -26.99 0.48 -1.74
CA ILE B 90 -26.13 0.93 -0.66
C ILE B 90 -26.18 -0.12 0.45
N PHE B 91 -25.00 -0.55 0.90
CA PHE B 91 -24.90 -1.70 1.87
C PHE B 91 -24.13 -1.31 3.12
N ASN B 92 -24.59 -1.77 4.26
CA ASN B 92 -23.91 -1.59 5.51
C ASN B 92 -23.04 -2.81 5.71
N ILE B 93 -21.72 -2.66 5.72
CA ILE B 93 -20.88 -3.83 5.95
C ILE B 93 -21.03 -4.27 7.45
N GLU B 94 -20.97 -3.32 8.39
CA GLU B 94 -21.17 -3.60 9.84
C GLU B 94 -22.40 -4.50 10.02
N MET B 95 -23.58 -3.92 9.82
CA MET B 95 -24.81 -4.63 10.02
C MET B 95 -25.14 -5.64 8.92
N LYS B 96 -24.21 -5.92 7.99
CA LYS B 96 -24.45 -6.74 6.77
C LYS B 96 -25.82 -6.64 6.13
N SER B 97 -26.31 -5.45 5.84
CA SER B 97 -27.66 -5.35 5.38
C SER B 97 -27.71 -4.43 4.20
N LYS B 98 -28.69 -4.62 3.32
CA LYS B 98 -28.93 -3.65 2.26
C LYS B 98 -29.64 -2.47 2.89
N MET B 99 -29.03 -1.28 2.85
CA MET B 99 -29.69 -0.04 3.32
C MET B 99 -30.79 0.54 2.39
N LYS B 100 -30.46 0.70 1.11
CA LYS B 100 -31.21 1.49 0.16
C LYS B 100 -30.92 0.93 -1.20
N ALA B 101 -31.87 1.12 -2.12
CA ALA B 101 -31.65 0.81 -3.53
C ALA B 101 -32.43 1.76 -4.37
N HIS B 102 -31.99 1.98 -5.61
CA HIS B 102 -32.75 2.77 -6.49
C HIS B 102 -32.40 2.41 -7.91
N THR B 103 -33.37 2.51 -8.82
CA THR B 103 -33.09 2.26 -10.22
C THR B 103 -33.28 3.57 -10.91
N MET B 104 -32.18 4.12 -11.49
CA MET B 104 -32.23 5.36 -12.25
C MET B 104 -32.94 5.18 -13.59
N THR B 105 -33.60 6.23 -14.06
CA THR B 105 -34.10 6.27 -15.42
C THR B 105 -32.91 6.22 -16.39
N ASP B 106 -31.88 7.01 -16.11
CA ASP B 106 -30.76 7.22 -17.05
C ASP B 106 -29.52 6.62 -16.48
N ASP B 107 -28.55 6.25 -17.30
CA ASP B 107 -27.31 5.66 -16.75
C ASP B 107 -26.55 6.67 -15.96
N VAL B 108 -25.91 6.20 -14.91
CA VAL B 108 -25.11 7.04 -14.10
C VAL B 108 -23.69 6.91 -14.64
N THR B 109 -23.16 7.99 -15.17
CA THR B 109 -21.90 7.82 -15.77
C THR B 109 -20.75 8.18 -14.82
N PHE B 110 -21.04 8.84 -13.73
CA PHE B 110 -20.06 9.20 -12.74
C PHE B 110 -20.71 9.30 -11.40
N TRP B 111 -20.09 8.81 -10.33
CA TRP B 111 -20.66 9.07 -9.03
C TRP B 111 -19.56 9.09 -7.96
N LYS B 112 -19.86 9.68 -6.80
CA LYS B 112 -18.91 9.77 -5.71
C LYS B 112 -19.69 10.19 -4.49
N TRP B 113 -19.15 9.93 -3.31
CA TRP B 113 -19.63 10.42 -2.08
C TRP B 113 -19.23 11.86 -1.93
N ILE B 114 -20.11 12.75 -1.56
CA ILE B 114 -19.71 14.14 -1.43
C ILE B 114 -19.81 14.56 0.03
N SER B 115 -20.25 13.66 0.91
CA SER B 115 -20.09 13.80 2.34
C SER B 115 -20.19 12.45 3.02
N LEU B 116 -20.48 12.45 4.31
CA LEU B 116 -20.57 11.21 5.09
C LEU B 116 -21.82 10.36 4.84
N ASN B 117 -22.78 10.93 4.14
CA ASN B 117 -24.07 10.35 3.99
C ASN B 117 -24.84 10.74 2.71
N THR B 118 -24.11 11.27 1.75
CA THR B 118 -24.71 11.58 0.46
C THR B 118 -23.77 11.23 -0.68
N VAL B 119 -24.41 10.61 -1.67
CA VAL B 119 -23.85 10.32 -3.01
C VAL B 119 -24.31 11.32 -4.05
N ALA B 120 -23.36 11.83 -4.84
CA ALA B 120 -23.71 12.54 -6.06
C ALA B 120 -23.71 11.60 -7.22
N LEU B 121 -24.75 11.67 -8.03
CA LEU B 121 -25.01 10.86 -9.20
C LEU B 121 -24.96 11.72 -10.46
N VAL B 122 -24.11 11.45 -11.44
CA VAL B 122 -24.13 12.22 -12.66
C VAL B 122 -24.58 11.36 -13.81
N THR B 123 -25.59 11.81 -14.55
CA THR B 123 -26.05 11.10 -15.73
C THR B 123 -25.63 11.93 -16.95
N ASP B 124 -25.97 11.44 -18.14
CA ASP B 124 -25.77 12.24 -19.37
C ASP B 124 -26.41 13.62 -19.25
N ASN B 125 -27.39 13.74 -18.38
CA ASN B 125 -28.45 14.73 -18.45
C ASN B 125 -28.45 15.70 -17.25
N ALA B 126 -28.07 15.17 -16.08
CA ALA B 126 -28.37 15.85 -14.84
C ALA B 126 -27.44 15.39 -13.73
N VAL B 127 -27.43 16.15 -12.62
CA VAL B 127 -26.68 15.78 -11.48
C VAL B 127 -27.70 15.68 -10.36
N TYR B 128 -27.63 14.60 -9.55
CA TYR B 128 -28.52 14.28 -8.38
C TYR B 128 -27.70 14.13 -7.11
N HIS B 129 -28.28 14.49 -5.98
CA HIS B 129 -27.83 14.02 -4.68
C HIS B 129 -28.77 12.99 -4.12
N TRP B 130 -28.18 11.97 -3.54
CA TRP B 130 -28.90 10.88 -2.97
C TRP B 130 -28.42 10.55 -1.58
N SER B 131 -29.27 10.74 -0.58
CA SER B 131 -28.90 10.44 0.77
C SER B 131 -28.73 8.91 0.94
N MET B 132 -27.78 8.46 1.77
CA MET B 132 -27.75 7.00 2.10
C MET B 132 -28.81 6.54 3.13
N GLU B 133 -29.48 7.52 3.73
CA GLU B 133 -30.37 7.33 4.89
C GLU B 133 -31.80 7.22 4.46
N GLY B 134 -32.59 6.49 5.20
CA GLY B 134 -34.02 6.45 4.97
C GLY B 134 -34.42 5.85 3.63
N GLU B 135 -35.42 6.45 3.00
CA GLU B 135 -36.04 5.93 1.82
C GLU B 135 -36.10 7.03 0.75
N SER B 136 -35.50 8.16 1.07
CA SER B 136 -35.53 9.26 0.13
C SER B 136 -34.87 8.94 -1.23
N GLN B 137 -35.50 9.34 -2.33
CA GLN B 137 -35.00 9.11 -3.68
C GLN B 137 -33.98 10.20 -4.02
N PRO B 138 -33.17 10.04 -5.10
CA PRO B 138 -32.27 11.09 -5.56
C PRO B 138 -33.02 12.37 -5.87
N VAL B 139 -32.43 13.48 -5.49
CA VAL B 139 -32.93 14.78 -5.68
C VAL B 139 -32.11 15.43 -6.79
N LYS B 140 -32.78 15.87 -7.84
CA LYS B 140 -32.13 16.43 -8.97
C LYS B 140 -31.60 17.76 -8.49
N MET B 141 -30.31 17.97 -8.63
CA MET B 141 -29.73 19.28 -8.30
C MET B 141 -29.71 20.29 -9.48
N PHE B 142 -29.32 19.89 -10.67
CA PHE B 142 -29.29 20.79 -11.80
C PHE B 142 -29.21 19.94 -13.05
N ASP B 143 -29.71 20.46 -14.19
CA ASP B 143 -29.40 20.00 -15.55
C ASP B 143 -28.02 20.31 -16.06
N ARG B 144 -27.41 19.35 -16.78
CA ARG B 144 -26.05 19.54 -17.27
C ARG B 144 -26.07 20.62 -18.39
N HIS B 145 -25.06 21.50 -18.38
CA HIS B 145 -24.80 22.52 -19.39
C HIS B 145 -24.21 21.97 -20.67
N SER B 146 -24.54 22.57 -21.84
CA SER B 146 -24.20 22.04 -23.16
C SER B 146 -22.70 22.03 -23.36
N SER B 147 -21.98 22.85 -22.65
CA SER B 147 -20.55 22.82 -22.85
C SER B 147 -19.80 21.61 -22.26
N LEU B 148 -20.43 20.77 -21.40
CA LEU B 148 -19.90 19.49 -20.96
C LEU B 148 -20.41 18.35 -21.86
N ALA B 149 -21.25 18.68 -22.85
CA ALA B 149 -21.82 17.66 -23.71
C ALA B 149 -20.73 16.79 -24.36
N GLY B 150 -20.75 15.48 -24.24
CA GLY B 150 -19.65 14.68 -24.79
C GLY B 150 -18.31 14.59 -24.03
N CYS B 151 -18.18 15.21 -22.83
CA CYS B 151 -17.00 15.13 -22.01
C CYS B 151 -16.94 13.81 -21.23
N GLN B 152 -15.73 13.32 -20.96
CA GLN B 152 -15.47 12.45 -19.86
C GLN B 152 -15.58 13.22 -18.56
N ILE B 153 -16.52 12.81 -17.68
CA ILE B 153 -16.71 13.44 -16.39
C ILE B 153 -15.63 12.93 -15.52
N ILE B 154 -14.89 13.86 -14.90
CA ILE B 154 -13.74 13.43 -14.09
C ILE B 154 -13.95 13.87 -12.63
N ASN B 155 -14.88 14.76 -12.31
CA ASN B 155 -15.01 15.11 -10.90
C ASN B 155 -16.25 15.90 -10.67
N TYR B 156 -16.53 16.02 -9.39
CA TYR B 156 -17.66 16.74 -8.92
C TYR B 156 -17.32 17.25 -7.54
N ARG B 157 -17.47 18.54 -7.35
CA ARG B 157 -17.09 19.18 -6.07
C ARG B 157 -18.21 20.07 -5.60
N THR B 158 -18.27 20.23 -4.29
CA THR B 158 -19.15 21.15 -3.69
C THR B 158 -18.46 21.97 -2.58
N ASP B 159 -19.01 23.12 -2.24
CA ASP B 159 -18.60 23.78 -1.04
C ASP B 159 -19.20 23.05 0.19
N ALA B 160 -18.74 23.46 1.35
CA ALA B 160 -19.09 22.97 2.66
C ALA B 160 -20.63 23.01 2.97
N LYS B 161 -21.31 24.07 2.55
CA LYS B 161 -22.77 24.17 2.67
C LYS B 161 -23.54 23.51 1.52
N GLN B 162 -22.83 22.94 0.55
CA GLN B 162 -23.51 22.45 -0.62
C GLN B 162 -24.43 23.52 -1.26
N LYS B 163 -23.98 24.78 -1.29
CA LYS B 163 -24.71 25.79 -1.99
C LYS B 163 -24.10 26.09 -3.41
N TRP B 164 -22.87 25.61 -3.64
CA TRP B 164 -22.12 25.79 -4.86
C TRP B 164 -21.67 24.44 -5.35
N LEU B 165 -21.97 24.04 -6.58
CA LEU B 165 -21.75 22.69 -7.04
C LEU B 165 -21.00 22.77 -8.35
N LEU B 166 -20.01 21.93 -8.53
CA LEU B 166 -19.06 22.15 -9.58
C LEU B 166 -18.83 20.83 -10.29
N LEU B 167 -19.34 20.67 -11.50
CA LEU B 167 -19.12 19.47 -12.31
C LEU B 167 -17.97 19.67 -13.30
N THR B 168 -17.07 18.69 -13.41
CA THR B 168 -15.88 18.84 -14.28
C THR B 168 -15.78 17.72 -15.31
N GLY B 169 -15.62 18.08 -16.60
CA GLY B 169 -15.35 17.06 -17.58
C GLY B 169 -14.17 17.50 -18.44
N ILE B 170 -13.60 16.55 -19.22
CA ILE B 170 -12.51 16.80 -20.16
C ILE B 170 -12.82 16.20 -21.52
N SER B 171 -12.21 16.74 -22.59
CA SER B 171 -12.15 16.08 -23.91
C SER B 171 -10.86 16.43 -24.67
N ALA B 172 -10.28 15.39 -25.31
CA ALA B 172 -9.35 15.40 -26.44
C ALA B 172 -9.86 16.32 -27.54
N GLN B 173 -9.26 17.47 -27.71
CA GLN B 173 -9.49 18.20 -28.93
C GLN B 173 -8.20 18.73 -29.46
N ARG B 176 -4.82 18.76 -27.69
CA ARG B 176 -4.88 19.24 -26.31
C ARG B 176 -6.13 18.80 -25.59
N VAL B 177 -6.00 18.55 -24.29
CA VAL B 177 -7.14 18.14 -23.49
C VAL B 177 -7.85 19.38 -22.94
N VAL B 178 -9.03 19.67 -23.42
CA VAL B 178 -9.78 20.82 -22.95
C VAL B 178 -10.63 20.50 -21.64
N GLY B 179 -10.62 21.42 -20.66
CA GLY B 179 -11.33 21.24 -19.45
C GLY B 179 -12.56 22.10 -19.45
N ALA B 180 -13.70 21.48 -19.14
CA ALA B 180 -14.97 22.18 -19.09
C ALA B 180 -15.65 22.01 -17.71
N MET B 181 -15.91 23.10 -16.98
CA MET B 181 -16.59 23.03 -15.74
C MET B 181 -17.91 23.74 -15.81
N GLN B 182 -18.86 23.30 -14.97
CA GLN B 182 -20.13 23.96 -14.80
C GLN B 182 -20.31 24.24 -13.31
N LEU B 183 -20.35 25.51 -12.92
CA LEU B 183 -20.49 25.89 -11.59
C LEU B 183 -21.97 26.26 -11.40
N TYR B 184 -22.66 25.55 -10.53
CA TYR B 184 -24.07 25.80 -10.30
C TYR B 184 -24.29 26.40 -8.94
N SER B 185 -25.00 27.52 -8.93
CA SER B 185 -25.46 28.13 -7.69
C SER B 185 -26.83 27.56 -7.21
N VAL B 186 -26.89 26.96 -6.03
CA VAL B 186 -28.15 26.39 -5.55
C VAL B 186 -29.19 27.48 -5.20
N ASP B 187 -28.78 28.57 -4.55
CA ASP B 187 -29.67 29.71 -4.32
C ASP B 187 -30.11 30.53 -5.57
N ARG B 188 -29.20 30.79 -6.51
CA ARG B 188 -29.61 31.60 -7.68
C ARG B 188 -30.29 30.73 -8.74
N LYS B 189 -30.12 29.40 -8.58
CA LYS B 189 -30.43 28.40 -9.61
C LYS B 189 -29.92 28.73 -11.05
N VAL B 190 -28.62 28.97 -11.15
CA VAL B 190 -27.98 29.34 -12.38
C VAL B 190 -26.65 28.63 -12.47
N SER B 191 -26.32 28.14 -13.66
CA SER B 191 -25.07 27.51 -14.03
C SER B 191 -24.14 28.52 -14.70
N GLN B 192 -22.82 28.45 -14.52
CA GLN B 192 -21.90 29.14 -15.42
C GLN B 192 -20.89 28.20 -15.88
N PRO B 193 -20.52 28.32 -17.17
CA PRO B 193 -19.40 27.57 -17.71
C PRO B 193 -18.03 28.21 -17.35
N ILE B 194 -17.03 27.36 -17.05
CA ILE B 194 -15.70 27.75 -16.66
C ILE B 194 -14.83 26.78 -17.37
N GLU B 195 -13.77 27.30 -17.99
CA GLU B 195 -12.70 26.46 -18.51
C GLU B 195 -11.75 26.14 -17.37
N GLY B 196 -11.70 24.89 -16.90
CA GLY B 196 -10.74 24.55 -15.87
C GLY B 196 -10.56 23.05 -15.92
N HIS B 197 -9.45 22.59 -15.36
CA HIS B 197 -9.07 21.22 -15.30
C HIS B 197 -9.19 20.56 -13.93
N ALA B 198 -8.96 21.31 -12.85
CA ALA B 198 -9.04 20.84 -11.45
C ALA B 198 -9.47 21.98 -10.58
N ALA B 199 -10.28 21.71 -9.52
CA ALA B 199 -10.86 22.75 -8.69
C ALA B 199 -11.19 22.23 -7.29
N SER B 200 -11.44 23.17 -6.41
CA SER B 200 -11.77 22.84 -5.05
C SER B 200 -12.37 24.06 -4.44
N PHE B 201 -13.29 23.90 -3.48
CA PHE B 201 -13.81 25.00 -2.69
C PHE B 201 -13.04 25.12 -1.39
N ALA B 202 -13.19 26.22 -0.68
CA ALA B 202 -12.57 26.34 0.67
C ALA B 202 -13.25 27.43 1.43
N GLN B 203 -13.23 27.30 2.76
CA GLN B 203 -13.60 28.36 3.64
C GLN B 203 -12.39 29.15 4.06
N PHE B 204 -12.53 30.46 4.11
CA PHE B 204 -11.38 31.27 4.37
C PHE B 204 -11.86 32.53 5.00
N LYS B 205 -11.38 32.89 6.17
CA LYS B 205 -11.91 34.09 6.75
C LYS B 205 -10.89 35.19 6.64
N MET B 206 -11.26 36.28 5.96
CA MET B 206 -10.34 37.36 5.81
C MET B 206 -10.12 38.13 7.12
N GLU B 207 -8.93 38.75 7.32
CA GLU B 207 -8.66 39.66 8.46
C GLU B 207 -9.77 40.69 8.59
N GLY B 208 -10.36 40.81 9.80
CA GLY B 208 -11.37 41.81 10.04
C GLY B 208 -12.76 41.55 9.44
N ASN B 209 -12.95 40.43 8.80
CA ASN B 209 -14.26 40.09 8.31
C ASN B 209 -15.14 39.39 9.35
N ALA B 210 -16.45 39.63 9.36
CA ALA B 210 -17.33 38.93 10.33
C ALA B 210 -17.38 37.38 10.14
N GLU B 211 -17.38 36.94 8.89
CA GLU B 211 -17.72 35.57 8.47
C GLU B 211 -16.70 35.02 7.51
N GLU B 212 -16.63 33.71 7.42
CA GLU B 212 -15.85 33.03 6.40
C GLU B 212 -16.33 33.40 5.06
N SER B 213 -15.42 33.58 4.14
CA SER B 213 -15.70 33.54 2.70
C SER B 213 -15.74 32.12 2.16
N THR B 214 -16.60 31.85 1.18
CA THR B 214 -16.50 30.60 0.42
C THR B 214 -15.63 30.86 -0.78
N LEU B 215 -14.42 30.27 -0.80
CA LEU B 215 -13.50 30.40 -1.92
C LEU B 215 -13.68 29.25 -2.94
N PHE B 216 -13.53 29.60 -4.21
CA PHE B 216 -13.53 28.62 -5.29
C PHE B 216 -12.22 28.75 -6.04
N CYS B 217 -11.44 27.67 -6.03
CA CYS B 217 -10.09 27.70 -6.63
C CYS B 217 -10.10 26.74 -7.83
N PHE B 218 -9.62 27.21 -9.00
CA PHE B 218 -9.56 26.30 -10.14
C PHE B 218 -8.31 26.55 -10.98
N ALA B 219 -7.71 25.49 -11.50
CA ALA B 219 -6.49 25.54 -12.21
C ALA B 219 -6.79 24.98 -13.59
N VAL B 220 -6.06 25.50 -14.58
CA VAL B 220 -6.31 25.07 -15.98
C VAL B 220 -5.06 25.28 -16.78
N ARG B 221 -4.90 24.49 -17.85
CA ARG B 221 -3.89 24.80 -18.85
C ARG B 221 -4.63 25.02 -20.13
N GLY B 222 -4.83 26.30 -20.50
CA GLY B 222 -5.51 26.65 -21.74
C GLY B 222 -4.67 27.47 -22.71
N GLN B 223 -5.36 28.28 -23.52
CA GLN B 223 -4.77 29.06 -24.60
C GLN B 223 -3.72 30.00 -24.09
N ALA B 224 -3.92 30.59 -22.95
CA ALA B 224 -2.81 31.29 -22.31
C ALA B 224 -1.84 30.41 -21.49
N GLY B 225 -1.86 29.09 -21.64
CA GLY B 225 -1.05 28.28 -20.76
C GLY B 225 -1.68 28.13 -19.35
N GLY B 226 -0.82 27.84 -18.38
CA GLY B 226 -1.28 27.35 -17.12
C GLY B 226 -1.66 28.52 -16.24
N LYS B 227 -2.83 28.42 -15.63
CA LYS B 227 -3.38 29.49 -14.79
C LYS B 227 -4.05 28.91 -13.55
N LEU B 228 -3.98 29.63 -12.44
CA LEU B 228 -4.69 29.30 -11.22
C LEU B 228 -5.51 30.52 -10.85
N HIS B 229 -6.79 30.30 -10.59
CA HIS B 229 -7.67 31.36 -10.21
C HIS B 229 -8.20 31.09 -8.85
N ILE B 230 -8.22 32.13 -8.00
CA ILE B 230 -8.96 32.05 -6.71
C ILE B 230 -10.01 33.16 -6.54
N ILE B 231 -11.27 32.78 -6.43
CA ILE B 231 -12.32 33.77 -6.36
C ILE B 231 -13.27 33.44 -5.18
N GLU B 232 -14.00 34.45 -4.72
CA GLU B 232 -15.07 34.24 -3.78
C GLU B 232 -16.39 33.99 -4.53
N VAL B 233 -17.15 32.98 -4.15
CA VAL B 233 -18.44 32.73 -4.78
C VAL B 233 -19.59 33.24 -3.91
N GLY B 234 -20.59 33.90 -4.50
CA GLY B 234 -21.68 34.44 -3.71
C GLY B 234 -21.44 35.89 -3.26
N THR B 235 -22.43 36.49 -2.59
CA THR B 235 -22.32 37.85 -2.17
C THR B 235 -21.75 37.85 -0.75
N PRO B 236 -20.68 38.59 -0.50
CA PRO B 236 -20.07 38.71 0.81
C PRO B 236 -21.16 38.89 1.87
N PRO B 237 -21.09 38.10 2.95
CA PRO B 237 -21.92 38.32 4.13
C PRO B 237 -21.90 39.78 4.56
N THR B 238 -23.03 40.27 5.05
CA THR B 238 -23.06 41.42 5.92
C THR B 238 -21.87 41.38 6.92
N GLY B 239 -21.10 42.46 6.96
CA GLY B 239 -19.87 42.52 7.77
C GLY B 239 -18.58 42.04 7.08
N ASN B 240 -18.67 41.68 5.79
CA ASN B 240 -17.53 41.18 5.04
C ASN B 240 -17.11 42.15 3.96
N GLN B 241 -15.81 42.41 3.83
CA GLN B 241 -15.21 42.79 2.54
C GLN B 241 -15.18 41.64 1.54
N PRO B 242 -15.35 41.96 0.21
CA PRO B 242 -15.16 40.87 -0.78
C PRO B 242 -13.66 40.39 -0.84
N PHE B 243 -13.47 39.14 -1.22
CA PHE B 243 -12.17 38.59 -1.42
C PHE B 243 -11.68 39.04 -2.78
N PRO B 244 -10.57 39.80 -2.86
CA PRO B 244 -10.00 40.16 -4.17
C PRO B 244 -9.61 38.93 -4.96
N LYS B 245 -10.20 38.79 -6.15
CA LYS B 245 -9.80 37.72 -7.07
C LYS B 245 -8.33 37.68 -7.28
N LYS B 246 -7.79 36.47 -7.28
CA LYS B 246 -6.42 36.22 -7.61
C LYS B 246 -6.36 35.37 -8.93
N ALA B 247 -5.31 35.60 -9.69
CA ALA B 247 -4.98 34.86 -10.89
C ALA B 247 -3.45 34.79 -11.05
N VAL B 248 -2.85 33.60 -11.06
CA VAL B 248 -1.37 33.38 -11.07
C VAL B 248 -1.15 32.37 -12.23
N ASP B 249 0.07 32.27 -12.75
CA ASP B 249 0.45 31.21 -13.68
C ASP B 249 0.71 29.91 -12.96
N VAL B 250 0.42 28.80 -13.62
CA VAL B 250 0.86 27.45 -13.19
C VAL B 250 1.97 27.08 -14.15
N PHE B 251 3.19 26.99 -13.63
CA PHE B 251 4.34 26.72 -14.47
C PHE B 251 4.35 25.27 -14.95
N PHE B 252 4.75 25.04 -16.19
CA PHE B 252 5.11 23.71 -16.68
C PHE B 252 6.45 23.71 -17.39
N PRO B 253 7.16 22.59 -17.37
CA PRO B 253 8.50 22.43 -18.00
C PRO B 253 8.46 22.70 -19.45
N PRO B 254 9.67 22.83 -20.10
CA PRO B 254 9.81 22.39 -21.51
C PRO B 254 9.56 20.88 -21.81
N GLU B 255 9.83 19.98 -20.87
CA GLU B 255 9.59 18.51 -21.00
C GLU B 255 8.16 18.08 -20.81
N ALA B 256 7.31 19.01 -20.36
CA ALA B 256 6.00 18.74 -19.89
C ALA B 256 5.06 19.58 -20.67
N GLN B 257 5.25 19.59 -21.97
CA GLN B 257 4.38 20.29 -22.90
C GLN B 257 2.96 19.71 -22.95
N ASN B 258 2.81 18.42 -22.66
CA ASN B 258 1.50 17.83 -22.72
C ASN B 258 0.85 17.67 -21.30
N ASP B 259 1.55 18.15 -20.25
CA ASP B 259 1.03 18.06 -18.85
C ASP B 259 -0.08 19.05 -18.63
N PHE B 260 -0.96 18.72 -17.67
CA PHE B 260 -2.04 19.62 -17.24
C PHE B 260 -2.46 19.19 -15.86
N PRO B 261 -3.15 20.07 -15.14
CA PRO B 261 -3.63 19.76 -13.78
C PRO B 261 -4.65 18.64 -13.78
N VAL B 262 -4.55 17.72 -12.79
CA VAL B 262 -5.54 16.66 -12.72
C VAL B 262 -6.23 16.60 -11.31
N ALA B 263 -5.67 17.21 -10.28
CA ALA B 263 -6.26 17.09 -8.99
C ALA B 263 -5.98 18.31 -8.14
N MET B 264 -6.87 18.64 -7.22
CA MET B 264 -6.66 19.74 -6.36
C MET B 264 -7.27 19.44 -5.00
N GLN B 265 -6.52 19.71 -3.92
CA GLN B 265 -7.03 19.64 -2.56
C GLN B 265 -6.60 20.90 -1.82
N ILE B 266 -7.36 21.36 -0.83
CA ILE B 266 -6.99 22.62 -0.23
C ILE B 266 -6.87 22.34 1.27
N SER B 267 -5.78 22.72 1.90
CA SER B 267 -5.75 22.64 3.34
C SER B 267 -6.20 23.96 3.96
N GLU B 268 -7.29 23.89 4.70
CA GLU B 268 -7.81 25.03 5.45
C GLU B 268 -7.10 25.20 6.77
N LYS B 269 -6.37 24.21 7.18
CA LYS B 269 -5.54 24.40 8.30
C LYS B 269 -4.35 25.34 8.06
N HIS B 270 -3.79 25.26 6.85
CA HIS B 270 -2.63 26.05 6.47
C HIS B 270 -2.93 27.06 5.40
N ASP B 271 -4.17 27.06 4.88
CA ASP B 271 -4.61 27.83 3.67
C ASP B 271 -3.60 27.72 2.51
N VAL B 272 -3.41 26.47 2.07
CA VAL B 272 -2.56 26.17 0.89
C VAL B 272 -3.36 25.26 -0.01
N VAL B 273 -3.15 25.45 -1.31
CA VAL B 273 -3.68 24.70 -2.42
C VAL B 273 -2.64 23.69 -2.87
N PHE B 274 -2.97 22.39 -2.83
CA PHE B 274 -2.16 21.34 -3.47
C PHE B 274 -2.67 21.10 -4.85
N LEU B 275 -1.82 21.22 -5.86
CA LEU B 275 -2.24 20.88 -7.17
C LEU B 275 -1.42 19.70 -7.68
N ILE B 276 -2.09 18.71 -8.31
CA ILE B 276 -1.35 17.63 -8.95
C ILE B 276 -1.57 17.65 -10.48
N THR B 277 -0.48 17.46 -11.19
CA THR B 277 -0.46 17.34 -12.68
C THR B 277 -0.47 15.88 -13.14
N LYS B 278 -1.09 15.64 -14.28
CA LYS B 278 -1.06 14.38 -14.96
C LYS B 278 0.30 13.67 -14.91
N TYR B 279 1.40 14.39 -15.22
CA TYR B 279 2.71 13.77 -15.17
C TYR B 279 3.23 13.48 -13.75
N GLY B 280 2.50 13.89 -12.71
CA GLY B 280 2.90 13.59 -11.33
C GLY B 280 3.72 14.67 -10.67
N TYR B 281 3.50 15.93 -11.07
CA TYR B 281 4.09 17.02 -10.31
C TYR B 281 3.15 17.45 -9.22
N ILE B 282 3.71 17.92 -8.13
CA ILE B 282 2.89 18.57 -7.15
C ILE B 282 3.28 20.09 -7.09
N HIS B 283 2.30 20.98 -6.95
CA HIS B 283 2.55 22.38 -6.60
C HIS B 283 1.86 22.74 -5.32
N LEU B 284 2.42 23.70 -4.57
CA LEU B 284 1.73 24.36 -3.48
C LEU B 284 1.54 25.81 -3.80
N TYR B 285 0.35 26.33 -3.59
CA TYR B 285 0.07 27.74 -3.69
C TYR B 285 -0.51 28.26 -2.39
N ASP B 286 -0.13 29.46 -2.01
CA ASP B 286 -0.89 30.21 -0.99
C ASP B 286 -2.33 30.39 -1.41
N LEU B 287 -3.31 29.96 -0.62
CA LEU B 287 -4.74 30.22 -0.89
C LEU B 287 -5.12 31.72 -0.92
N GLU B 288 -4.51 32.49 -0.06
CA GLU B 288 -4.84 33.88 0.04
C GLU B 288 -4.47 34.73 -1.24
N THR B 289 -3.24 34.58 -1.72
CA THR B 289 -2.62 35.33 -2.78
C THR B 289 -2.40 34.53 -4.05
N GLY B 290 -2.42 33.20 -3.94
CA GLY B 290 -2.06 32.33 -5.07
C GLY B 290 -0.57 32.21 -5.29
N THR B 291 0.25 32.84 -4.44
CA THR B 291 1.71 32.73 -4.62
C THR B 291 2.13 31.26 -4.64
N CYS B 292 3.00 30.89 -5.59
CA CYS B 292 3.58 29.55 -5.64
C CYS B 292 4.61 29.36 -4.56
N ILE B 293 4.47 28.30 -3.75
CA ILE B 293 5.40 28.06 -2.66
C ILE B 293 6.39 26.99 -3.05
N TYR B 294 6.00 26.04 -3.90
CA TYR B 294 6.81 24.84 -4.09
C TYR B 294 6.31 24.13 -5.34
N MET B 295 7.21 23.57 -6.15
CA MET B 295 6.90 22.57 -7.17
C MET B 295 7.89 21.44 -7.19
N ASN B 296 7.43 20.21 -7.46
CA ASN B 296 8.37 19.12 -7.63
C ASN B 296 7.69 17.93 -8.32
N ARG B 297 8.39 17.20 -9.20
CA ARG B 297 7.87 15.90 -9.63
C ARG B 297 7.93 14.79 -8.52
N ILE B 298 6.80 14.38 -7.95
CA ILE B 298 6.82 13.38 -6.85
C ILE B 298 6.49 11.95 -7.27
N SER B 299 6.05 11.84 -8.51
CA SER B 299 5.70 10.54 -9.07
C SER B 299 6.02 10.46 -10.59
N GLY B 300 6.50 9.31 -11.00
CA GLY B 300 6.88 9.11 -12.40
C GLY B 300 5.67 8.62 -13.21
N GLU B 301 4.60 8.19 -12.51
CA GLU B 301 3.26 7.76 -13.06
C GLU B 301 2.16 8.76 -12.70
N THR B 302 1.13 8.93 -13.53
CA THR B 302 -0.06 9.60 -13.08
C THR B 302 -0.59 9.07 -11.76
N ILE B 303 -0.67 9.96 -10.75
CA ILE B 303 -1.61 9.94 -9.63
C ILE B 303 -3.00 10.17 -10.10
N PHE B 304 -3.74 9.09 -10.25
CA PHE B 304 -5.04 9.14 -10.90
C PHE B 304 -6.26 9.25 -9.95
N VAL B 305 -6.08 9.14 -8.62
CA VAL B 305 -7.17 9.33 -7.62
C VAL B 305 -6.48 10.02 -6.46
N THR B 306 -7.17 11.02 -5.91
CA THR B 306 -6.67 11.73 -4.76
C THR B 306 -7.80 11.92 -3.69
N ALA B 307 -7.43 12.14 -2.42
CA ALA B 307 -8.37 12.56 -1.40
C ALA B 307 -7.65 13.49 -0.47
N PRO B 308 -8.41 14.23 0.38
CA PRO B 308 -7.84 14.86 1.50
C PRO B 308 -7.10 13.84 2.40
N HIS B 309 -6.02 14.24 3.03
CA HIS B 309 -5.29 13.38 3.88
C HIS B 309 -5.46 13.96 5.28
N GLU B 310 -6.35 13.37 6.05
CA GLU B 310 -7.03 14.14 7.08
C GLU B 310 -6.10 14.50 8.21
N ALA B 311 -5.32 13.52 8.67
CA ALA B 311 -4.42 13.73 9.80
C ALA B 311 -3.37 14.89 9.62
N THR B 312 -2.97 15.23 8.38
CA THR B 312 -1.83 16.10 8.18
C THR B 312 -2.39 17.28 7.45
N ALA B 313 -3.71 17.28 7.27
CA ALA B 313 -4.37 18.16 6.31
C ALA B 313 -3.61 18.31 4.95
N GLY B 314 -3.30 17.18 4.30
CA GLY B 314 -2.54 17.18 3.06
C GLY B 314 -3.35 16.53 2.00
N ILE B 315 -2.65 15.88 1.11
CA ILE B 315 -3.27 15.34 -0.04
C ILE B 315 -2.80 13.88 -0.08
N ILE B 316 -3.65 12.92 -0.37
CA ILE B 316 -3.14 11.60 -0.58
C ILE B 316 -3.59 11.07 -1.92
N GLY B 317 -2.79 10.21 -2.54
CA GLY B 317 -3.27 9.65 -3.79
C GLY B 317 -2.66 8.33 -4.16
N VAL B 318 -3.21 7.78 -5.25
CA VAL B 318 -2.69 6.52 -5.76
C VAL B 318 -2.20 6.69 -7.18
N ASN B 319 -1.02 6.17 -7.50
CA ASN B 319 -0.50 6.26 -8.91
C ASN B 319 -0.70 4.91 -9.66
N ARG B 320 -0.53 4.92 -10.97
CA ARG B 320 -0.84 3.76 -11.83
C ARG B 320 0.02 2.56 -11.49
N LYS B 321 1.15 2.79 -10.85
CA LYS B 321 1.99 1.64 -10.46
C LYS B 321 1.60 1.07 -9.03
N GLY B 322 0.52 1.57 -8.42
CA GLY B 322 0.08 1.05 -7.11
C GLY B 322 0.70 1.74 -5.89
N GLN B 323 1.49 2.79 -6.06
CA GLN B 323 2.06 3.48 -4.92
C GLN B 323 1.05 4.44 -4.32
N VAL B 324 0.88 4.34 -2.99
CA VAL B 324 -0.01 5.22 -2.20
C VAL B 324 0.89 6.28 -1.56
N LEU B 325 0.73 7.55 -1.96
CA LEU B 325 1.65 8.63 -1.63
C LEU B 325 0.92 9.79 -1.02
N SER B 326 1.56 10.53 -0.14
CA SER B 326 0.88 11.73 0.28
C SER B 326 1.84 12.91 0.37
N VAL B 327 1.27 14.10 0.42
CA VAL B 327 2.05 15.32 0.67
C VAL B 327 1.30 16.18 1.67
N CYS B 328 2.03 16.83 2.54
CA CYS B 328 1.47 17.82 3.40
C CYS B 328 2.48 18.91 3.71
N VAL B 329 2.01 20.03 4.27
CA VAL B 329 2.90 21.06 4.80
C VAL B 329 3.80 20.50 5.88
N GLU B 330 5.10 20.76 5.77
CA GLU B 330 6.01 20.49 6.82
C GLU B 330 6.11 21.76 7.67
N GLU B 331 5.38 21.76 8.79
CA GLU B 331 5.12 22.98 9.59
C GLU B 331 6.34 23.55 10.27
N GLU B 332 7.33 22.72 10.53
CA GLU B 332 8.55 23.32 11.03
C GLU B 332 9.45 23.89 9.95
N ASN B 333 9.22 23.60 8.67
CA ASN B 333 10.13 24.14 7.64
C ASN B 333 9.52 25.20 6.76
N ILE B 334 8.20 25.33 6.79
CA ILE B 334 7.55 26.07 5.69
C ILE B 334 7.96 27.61 5.75
N ILE B 335 7.93 28.20 6.96
CA ILE B 335 8.19 29.63 7.17
C ILE B 335 9.63 29.94 6.79
N PRO B 336 10.62 29.28 7.46
CA PRO B 336 12.04 29.46 7.08
C PRO B 336 12.30 29.13 5.59
N TYR B 337 11.67 28.09 5.06
CA TYR B 337 11.72 27.86 3.61
C TYR B 337 11.25 29.11 2.80
N ILE B 338 10.08 29.68 3.14
CA ILE B 338 9.56 30.90 2.42
C ILE B 338 10.48 32.12 2.63
N THR B 339 11.06 32.24 3.84
CA THR B 339 11.95 33.35 4.20
C THR B 339 13.20 33.27 3.33
N ASN B 340 13.88 32.13 3.41
CA ASN B 340 15.26 32.04 2.99
C ASN B 340 15.40 31.47 1.62
N VAL B 341 14.72 30.36 1.34
CA VAL B 341 14.85 29.76 0.02
C VAL B 341 14.04 30.57 -1.02
N LEU B 342 12.79 30.91 -0.72
CA LEU B 342 12.00 31.68 -1.69
C LEU B 342 12.28 33.18 -1.59
N GLN B 343 13.03 33.54 -0.56
CA GLN B 343 13.29 34.94 -0.15
C GLN B 343 12.04 35.83 -0.16
N ASN B 344 10.95 35.34 0.41
CA ASN B 344 9.71 36.07 0.44
C ASN B 344 9.30 36.21 1.87
N PRO B 345 9.98 37.12 2.61
CA PRO B 345 9.76 37.24 4.05
C PRO B 345 8.34 37.79 4.32
N ASP B 346 7.75 38.55 3.40
CA ASP B 346 6.41 39.10 3.64
C ASP B 346 5.37 37.97 3.70
N LEU B 347 5.46 37.02 2.77
CA LEU B 347 4.56 35.85 2.77
C LEU B 347 4.78 35.01 4.03
N ALA B 348 6.05 34.82 4.39
CA ALA B 348 6.38 33.90 5.46
C ALA B 348 5.80 34.39 6.77
N LEU B 349 5.92 35.69 7.02
CA LEU B 349 5.36 36.30 8.23
C LEU B 349 3.83 36.27 8.25
N ARG B 350 3.22 36.69 7.14
CA ARG B 350 1.77 36.53 6.96
C ARG B 350 1.28 35.04 7.22
N MET B 351 1.88 34.02 6.57
CA MET B 351 1.46 32.63 6.86
C MET B 351 1.76 32.25 8.34
N ALA B 352 2.88 32.68 8.92
CA ALA B 352 3.22 32.33 10.30
C ALA B 352 2.19 32.85 11.24
N VAL B 353 1.80 34.09 10.98
CA VAL B 353 0.76 34.73 11.78
C VAL B 353 -0.66 34.16 11.50
N ARG B 354 -1.07 34.08 10.23
CA ARG B 354 -2.37 33.50 9.86
C ARG B 354 -2.69 32.08 10.42
N ASN B 355 -1.68 31.21 10.52
CA ASN B 355 -1.88 29.81 10.83
C ASN B 355 -0.96 29.32 11.97
N ASN B 356 -0.07 30.19 12.46
CA ASN B 356 1.01 29.78 13.37
C ASN B 356 2.27 29.21 12.67
#